data_2VHF
#
_entry.id   2VHF
#
_cell.length_a   60.494
_cell.length_b   89.083
_cell.length_c   171.806
_cell.angle_alpha   90.00
_cell.angle_beta   90.00
_cell.angle_gamma   90.00
#
_symmetry.space_group_name_H-M   'P 21 21 21'
#
loop_
_entity.id
_entity.type
_entity.pdbx_description
1 polymer 'UBIQUITIN CARBOXYL-TERMINAL HYDROLASE CYLD'
2 non-polymer 'ZINC ION'
3 water water
#
_entity_poly.entity_id   1
_entity_poly.type   'polypeptide(L)'
_entity_poly.pdbx_seq_one_letter_code
;GLEIMIGKKKGIQGHYNSCYLDSTLFCLFAFSSVLDTVLLRPKEKNDVEYYSETQELLRTEIVNPLRIYGYVCATKIMKL
RKILEKVEAASGFTSEEKDPEEFLNILFHHILRVEPLLKIRSAGQKVQDCYFYQIFMEKNEKVGVPTIQQLLEWSFINSN
LKFAEAPSCLIIQMPRFGKDFKLFKKIFPSLELNITDLLEDTPRQCRICGGLAMYECRECYDDPDISAGKIKQFCKTCNT
QVHLHPKRLNHKYNPVSLPKDLPDWDWRHGCIPCQNMELFAVLCIETSHYVAFVKYGKDDSAWLFFDSMADRDGGQNGFN
IPQVTPCPEVGEYLKMSLEDLHSLDSRRIQGCARRLLCDAYMCMYQSPTMSLYK
;
_entity_poly.pdbx_strand_id   A,B
#
# COMPACT_ATOMS: atom_id res chain seq x y z
N GLY A 1 25.20 -0.30 -20.87
CA GLY A 1 24.37 -0.37 -19.67
C GLY A 1 25.02 -1.23 -18.58
N LEU A 2 24.90 -2.54 -18.72
CA LEU A 2 25.46 -3.47 -17.75
C LEU A 2 26.98 -3.53 -17.88
N GLU A 3 27.55 -2.58 -18.61
CA GLU A 3 29.01 -2.51 -18.76
C GLU A 3 29.68 -2.16 -17.43
N ILE A 4 28.95 -1.45 -16.58
CA ILE A 4 29.50 -0.98 -15.32
C ILE A 4 29.11 -1.91 -14.18
N MET A 5 28.78 -3.15 -14.51
CA MET A 5 28.24 -4.08 -13.53
C MET A 5 28.89 -5.44 -13.69
N ILE A 6 29.56 -5.64 -14.82
CA ILE A 6 30.09 -6.93 -15.20
C ILE A 6 31.62 -7.02 -15.12
N GLY A 7 32.11 -8.08 -14.47
CA GLY A 7 33.54 -8.32 -14.33
C GLY A 7 33.95 -8.55 -12.89
N LYS A 8 35.25 -8.60 -12.63
CA LYS A 8 35.77 -8.71 -11.25
C LYS A 8 35.79 -7.35 -10.55
N LYS A 9 35.72 -7.39 -9.22
CA LYS A 9 35.46 -6.19 -8.44
C LYS A 9 34.12 -5.59 -8.85
N LYS A 10 33.09 -6.45 -8.89
CA LYS A 10 31.74 -6.05 -9.29
C LYS A 10 30.68 -6.75 -8.46
N GLY A 11 29.72 -5.98 -7.97
CA GLY A 11 28.61 -6.50 -7.21
C GLY A 11 28.74 -6.08 -5.77
N ILE A 12 28.11 -6.81 -4.86
CA ILE A 12 28.27 -6.56 -3.44
C ILE A 12 29.44 -7.37 -2.89
N GLN A 13 30.22 -6.76 -2.00
CA GLN A 13 31.43 -7.39 -1.47
C GLN A 13 31.19 -8.32 -0.27
N GLY A 14 31.78 -9.51 -0.34
CA GLY A 14 31.55 -10.51 0.69
C GLY A 14 32.42 -10.37 1.93
N HIS A 15 31.86 -10.72 3.08
CA HIS A 15 32.60 -10.72 4.34
C HIS A 15 32.16 -11.80 5.32
N TYR A 16 32.80 -12.96 5.24
CA TYR A 16 32.50 -14.06 6.14
C TYR A 16 31.11 -14.59 5.85
N ASN A 17 30.17 -14.29 6.72
CA ASN A 17 28.81 -14.80 6.55
C ASN A 17 27.88 -13.73 5.99
N SER A 18 28.26 -13.16 4.86
CA SER A 18 27.51 -12.05 4.29
C SER A 18 26.59 -12.49 3.14
N CYS A 19 27.02 -13.48 2.37
CA CYS A 19 26.29 -14.00 1.20
C CYS A 19 24.73 -13.97 1.26
N TYR A 20 24.14 -14.24 2.42
CA TYR A 20 22.68 -14.20 2.53
C TYR A 20 22.12 -12.78 2.45
N LEU A 21 22.99 -11.79 2.30
CA LEU A 21 22.55 -10.43 1.98
C LEU A 21 23.04 -10.08 0.60
N ASP A 22 24.35 -10.13 0.44
CA ASP A 22 24.99 -9.84 -0.84
C ASP A 22 24.07 -10.29 -1.95
N SER A 23 23.70 -11.56 -1.89
CA SER A 23 22.94 -12.19 -2.95
C SER A 23 21.55 -11.61 -3.07
N THR A 24 20.80 -11.66 -1.97
CA THR A 24 19.42 -11.22 -2.03
C THR A 24 19.31 -9.74 -2.36
N LEU A 25 20.21 -8.93 -1.84
CA LEU A 25 20.20 -7.49 -2.14
C LEU A 25 20.60 -7.26 -3.59
N PHE A 26 21.53 -8.07 -4.06
CA PHE A 26 21.96 -7.98 -5.44
C PHE A 26 20.74 -8.29 -6.31
N CYS A 27 20.08 -9.40 -6.03
CA CYS A 27 18.84 -9.79 -6.68
C CYS A 27 17.81 -8.65 -6.74
N LEU A 28 17.38 -8.16 -5.58
CA LEU A 28 16.30 -7.18 -5.48
C LEU A 28 16.56 -5.80 -6.10
N PHE A 29 17.84 -5.47 -6.32
CA PHE A 29 18.21 -4.14 -6.79
C PHE A 29 19.30 -4.12 -7.85
N ALA A 30 19.84 -5.27 -8.21
CA ALA A 30 20.85 -5.28 -9.26
C ALA A 30 20.34 -4.51 -10.48
N PHE A 31 19.32 -5.08 -11.14
CA PHE A 31 18.70 -4.48 -12.32
C PHE A 31 17.17 -4.44 -12.19
N SER A 32 16.65 -3.97 -11.07
CA SER A 32 15.21 -4.03 -10.88
C SER A 32 14.63 -3.02 -9.91
N SER A 33 13.72 -2.20 -10.44
CA SER A 33 13.06 -1.16 -9.67
C SER A 33 11.91 -1.67 -8.79
N VAL A 34 11.68 -2.98 -8.74
CA VAL A 34 10.56 -3.52 -7.98
C VAL A 34 10.38 -2.91 -6.60
N LEU A 35 11.48 -2.57 -5.93
CA LEU A 35 11.35 -2.08 -4.56
C LEU A 35 11.77 -0.63 -4.34
N ASP A 36 12.12 0.06 -5.43
CA ASP A 36 12.56 1.46 -5.35
C ASP A 36 11.62 2.38 -4.57
N THR A 37 10.39 1.93 -4.32
CA THR A 37 9.45 2.77 -3.58
C THR A 37 9.72 2.69 -2.09
N VAL A 38 10.08 1.50 -1.64
CA VAL A 38 10.49 1.37 -0.25
C VAL A 38 11.67 2.30 0.00
N LEU A 39 12.44 2.58 -1.05
CA LEU A 39 13.58 3.52 -0.96
C LEU A 39 13.13 4.97 -0.81
N LEU A 40 12.07 5.33 -1.52
CA LEU A 40 11.60 6.72 -1.53
C LEU A 40 10.61 7.03 -0.41
N ARG A 41 10.03 6.00 0.20
CA ARG A 41 8.95 6.30 1.14
C ARG A 41 9.37 7.19 2.32
N PRO A 42 8.71 8.34 2.45
CA PRO A 42 8.90 9.23 3.60
C PRO A 42 8.48 8.54 4.89
N LYS A 43 9.09 8.92 6.01
CA LYS A 43 8.75 8.35 7.30
C LYS A 43 7.43 8.90 7.81
N GLU A 44 6.71 8.08 8.56
CA GLU A 44 5.35 8.40 9.01
C GLU A 44 5.24 8.13 10.50
N LYS A 45 4.48 8.95 11.20
CA LYS A 45 4.39 8.91 12.68
C LYS A 45 4.53 7.52 13.34
N ASN A 46 4.11 6.46 12.67
CA ASN A 46 4.16 5.13 13.28
C ASN A 46 5.33 4.25 12.81
N ASP A 47 6.42 4.86 12.38
CA ASP A 47 7.63 4.13 11.97
C ASP A 47 8.58 3.93 13.15
N VAL A 48 9.70 3.25 12.91
CA VAL A 48 10.68 2.99 13.98
C VAL A 48 11.83 4.00 14.05
N GLU A 49 12.50 4.02 15.20
CA GLU A 49 13.53 5.01 15.50
C GLU A 49 14.66 4.93 14.49
N TYR A 50 14.79 3.79 13.83
CA TYR A 50 15.90 3.64 12.90
C TYR A 50 15.38 3.35 11.50
N TYR A 51 14.13 3.72 11.29
CA TYR A 51 13.56 3.67 9.95
C TYR A 51 14.45 4.46 9.02
N SER A 52 14.67 5.73 9.36
CA SER A 52 15.35 6.66 8.49
C SER A 52 16.80 6.27 8.22
N GLU A 53 17.56 6.03 9.28
CA GLU A 53 18.93 5.55 9.09
C GLU A 53 18.98 4.37 8.13
N THR A 54 18.04 3.45 8.27
CA THR A 54 18.07 2.25 7.48
C THR A 54 17.67 2.52 6.03
N GLN A 55 16.96 3.62 5.82
CA GLN A 55 16.62 4.06 4.48
C GLN A 55 17.78 4.80 3.79
N GLU A 56 18.31 5.83 4.43
CA GLU A 56 19.49 6.49 3.91
C GLU A 56 20.56 5.44 3.59
N LEU A 57 20.87 4.59 4.56
CA LEU A 57 21.93 3.62 4.38
C LEU A 57 21.68 2.81 3.13
N LEU A 58 20.60 2.05 3.15
CA LEU A 58 20.24 1.14 2.08
C LEU A 58 20.23 1.80 0.69
N ARG A 59 19.63 2.98 0.62
CA ARG A 59 19.53 3.70 -0.64
C ARG A 59 20.85 4.39 -0.99
N THR A 60 21.38 5.12 -0.01
CA THR A 60 22.51 6.00 -0.22
C THR A 60 23.83 5.27 -0.38
N GLU A 61 24.08 4.35 0.53
CA GLU A 61 25.42 3.81 0.67
C GLU A 61 25.50 2.43 0.06
N ILE A 62 24.36 1.91 -0.37
CA ILE A 62 24.29 0.54 -0.86
C ILE A 62 23.70 0.44 -2.26
N VAL A 63 22.44 0.82 -2.41
CA VAL A 63 21.73 0.66 -3.68
C VAL A 63 22.20 1.66 -4.74
N ASN A 64 22.26 2.93 -4.36
CA ASN A 64 22.72 3.96 -5.28
C ASN A 64 24.10 3.62 -5.86
N PRO A 65 25.08 3.35 -4.99
CA PRO A 65 26.42 2.89 -5.38
C PRO A 65 26.43 1.64 -6.27
N LEU A 66 25.77 0.56 -5.84
CA LEU A 66 25.76 -0.67 -6.65
C LEU A 66 25.23 -0.41 -8.06
N ARG A 67 24.22 0.46 -8.16
CA ARG A 67 23.63 0.73 -9.47
C ARG A 67 24.50 1.58 -10.34
N ILE A 68 25.15 2.57 -9.73
CA ILE A 68 25.95 3.55 -10.46
C ILE A 68 27.39 3.12 -10.77
N TYR A 69 27.99 2.28 -9.94
CA TYR A 69 29.36 1.78 -10.17
C TYR A 69 29.41 0.29 -10.47
N GLY A 70 28.51 -0.47 -9.86
CA GLY A 70 28.50 -1.91 -10.01
C GLY A 70 29.32 -2.58 -8.92
N TYR A 71 29.65 -1.82 -7.88
CA TYR A 71 30.44 -2.31 -6.76
C TYR A 71 29.90 -1.76 -5.45
N VAL A 72 30.04 -2.54 -4.36
CA VAL A 72 29.68 -2.06 -3.01
C VAL A 72 30.58 -2.60 -1.87
N CYS A 73 30.94 -1.70 -0.98
CA CYS A 73 31.84 -2.01 0.12
C CYS A 73 31.17 -2.88 1.15
N ALA A 74 31.77 -4.03 1.42
CA ALA A 74 31.36 -4.92 2.49
C ALA A 74 31.31 -4.20 3.84
N THR A 75 31.80 -2.96 3.87
CA THR A 75 31.73 -2.15 5.08
C THR A 75 30.32 -1.60 5.28
N LYS A 76 29.68 -1.23 4.18
CA LYS A 76 28.31 -0.75 4.20
C LYS A 76 27.35 -1.92 4.44
N ILE A 77 27.69 -3.08 3.89
CA ILE A 77 26.88 -4.25 4.18
C ILE A 77 26.98 -4.50 5.68
N MET A 78 28.06 -4.08 6.29
CA MET A 78 28.26 -4.33 7.69
C MET A 78 27.59 -3.35 8.55
N LYS A 79 27.42 -2.15 8.06
CA LYS A 79 26.69 -1.13 8.81
C LYS A 79 25.24 -1.56 8.98
N LEU A 80 24.66 -2.14 7.92
CA LEU A 80 23.30 -2.64 7.94
C LEU A 80 23.20 -3.83 8.89
N ARG A 81 24.05 -4.82 8.69
CA ARG A 81 24.19 -5.93 9.62
C ARG A 81 24.03 -5.48 11.07
N LYS A 82 24.77 -4.45 11.46
CA LYS A 82 24.66 -3.93 12.83
C LYS A 82 23.22 -3.61 13.15
N ILE A 83 22.65 -2.68 12.41
CA ILE A 83 21.26 -2.29 12.62
C ILE A 83 20.37 -3.51 12.83
N LEU A 84 20.42 -4.45 11.89
CA LEU A 84 19.63 -5.66 11.97
C LEU A 84 19.58 -6.23 13.38
N GLU A 85 20.73 -6.25 14.04
CA GLU A 85 20.84 -6.78 15.40
C GLU A 85 19.93 -6.10 16.40
N LYS A 86 19.83 -4.77 16.30
CA LYS A 86 19.01 -4.01 17.22
C LYS A 86 17.66 -4.70 17.28
N VAL A 87 17.15 -5.01 16.09
CA VAL A 87 15.86 -5.67 15.96
C VAL A 87 16.03 -7.18 16.09
N GLU A 88 17.05 -7.70 15.42
CA GLU A 88 17.31 -9.13 15.43
C GLU A 88 17.01 -9.75 16.79
N GLU A 97 21.86 -19.25 12.55
CA GLU A 97 21.86 -19.75 11.18
C GLU A 97 21.01 -18.94 10.20
N LYS A 98 21.49 -17.75 9.84
CA LYS A 98 20.76 -16.74 9.08
C LYS A 98 20.41 -17.06 7.65
N ASP A 99 19.18 -16.72 7.25
CA ASP A 99 18.72 -17.01 5.89
C ASP A 99 18.09 -15.79 5.22
N PRO A 100 18.06 -15.80 3.88
CA PRO A 100 17.39 -14.81 3.02
C PRO A 100 15.97 -14.47 3.50
N GLU A 101 15.20 -15.48 3.90
CA GLU A 101 13.90 -15.27 4.51
C GLU A 101 14.00 -14.38 5.73
N GLU A 102 14.64 -14.89 6.77
CA GLU A 102 14.79 -14.17 8.03
C GLU A 102 15.21 -12.74 7.70
N PHE A 103 16.06 -12.61 6.69
CA PHE A 103 16.59 -11.32 6.26
C PHE A 103 15.52 -10.37 5.74
N LEU A 104 14.75 -10.82 4.75
CA LEU A 104 13.63 -10.04 4.23
C LEU A 104 12.71 -9.61 5.35
N ASN A 105 12.17 -10.60 6.05
CA ASN A 105 11.21 -10.36 7.12
C ASN A 105 11.60 -9.20 8.00
N ILE A 106 12.84 -9.24 8.49
CA ILE A 106 13.28 -8.27 9.46
C ILE A 106 13.39 -6.85 8.85
N LEU A 107 14.06 -6.74 7.71
CA LEU A 107 14.28 -5.46 7.05
C LEU A 107 13.00 -4.83 6.52
N PHE A 108 12.26 -5.63 5.74
CA PHE A 108 11.06 -5.14 5.06
C PHE A 108 9.80 -5.13 5.93
N HIS A 109 9.53 -6.22 6.61
CA HIS A 109 8.35 -6.27 7.46
C HIS A 109 8.56 -5.48 8.74
N HIS A 110 9.73 -5.60 9.33
CA HIS A 110 9.94 -5.09 10.69
C HIS A 110 10.43 -3.67 10.75
N ILE A 111 11.44 -3.35 9.96
CA ILE A 111 12.02 -2.02 9.99
C ILE A 111 11.30 -1.07 9.02
N LEU A 112 11.37 -1.38 7.72
CA LEU A 112 10.86 -0.48 6.69
C LEU A 112 9.34 -0.46 6.56
N ARG A 113 8.67 -1.52 7.00
CA ARG A 113 7.21 -1.56 7.02
C ARG A 113 6.65 -1.43 5.60
N VAL A 114 7.19 -2.24 4.69
CA VAL A 114 6.68 -2.38 3.32
C VAL A 114 5.35 -3.12 3.30
N GLU A 115 4.39 -2.62 2.55
CA GLU A 115 3.19 -3.39 2.26
C GLU A 115 3.61 -4.78 1.77
N PRO A 116 3.09 -5.82 2.41
CA PRO A 116 3.39 -7.20 1.99
C PRO A 116 3.17 -7.38 0.49
N LEU A 117 4.20 -7.85 -0.20
CA LEU A 117 4.15 -7.98 -1.65
C LEU A 117 3.12 -9.01 -2.12
N LEU A 118 2.77 -9.94 -1.24
CA LEU A 118 1.82 -10.98 -1.61
C LEU A 118 0.56 -10.88 -0.77
N LYS A 119 -0.59 -10.88 -1.45
CA LYS A 119 -1.91 -10.93 -0.82
C LYS A 119 -2.58 -12.24 -1.24
N ILE A 120 -2.87 -13.09 -0.27
CA ILE A 120 -3.39 -14.41 -0.62
C ILE A 120 -4.58 -14.81 0.25
N ARG A 121 -5.49 -15.59 -0.32
CA ARG A 121 -6.61 -16.11 0.45
C ARG A 121 -7.00 -17.49 -0.03
N SER A 122 -7.53 -18.28 0.90
CA SER A 122 -8.20 -19.52 0.56
C SER A 122 -9.67 -19.41 0.91
N ALA A 123 -10.51 -19.87 -0.02
CA ALA A 123 -11.95 -20.05 0.19
C ALA A 123 -12.59 -19.13 1.22
N GLY A 124 -12.98 -17.93 0.78
CA GLY A 124 -13.69 -16.98 1.63
C GLY A 124 -13.18 -17.03 3.06
N GLN A 125 -11.85 -17.04 3.20
CA GLN A 125 -11.21 -17.01 4.49
C GLN A 125 -10.52 -15.68 4.62
N LYS A 126 -9.91 -15.43 5.77
CA LYS A 126 -9.13 -14.22 5.99
C LYS A 126 -8.01 -14.12 4.97
N VAL A 127 -7.72 -12.88 4.55
CA VAL A 127 -6.66 -12.66 3.57
C VAL A 127 -5.30 -12.66 4.22
N GLN A 128 -4.41 -13.48 3.68
CA GLN A 128 -3.08 -13.64 4.25
C GLN A 128 -2.02 -12.81 3.51
N ASP A 129 -1.40 -11.88 4.23
CA ASP A 129 -0.29 -11.11 3.68
C ASP A 129 0.99 -11.88 3.89
N CYS A 130 1.98 -11.62 3.04
CA CYS A 130 3.26 -12.29 3.13
C CYS A 130 4.25 -11.74 2.11
N TYR A 131 5.52 -11.99 2.31
CA TYR A 131 6.55 -11.40 1.45
C TYR A 131 7.16 -12.41 0.50
N PHE A 132 6.65 -13.62 0.52
CA PHE A 132 7.14 -14.68 -0.37
C PHE A 132 6.32 -15.94 -0.14
N TYR A 133 6.31 -16.82 -1.14
CA TYR A 133 5.50 -18.02 -1.06
C TYR A 133 6.36 -19.26 -1.20
N GLN A 134 6.05 -20.26 -0.38
CA GLN A 134 6.76 -21.51 -0.38
C GLN A 134 5.94 -22.58 -1.10
N ILE A 135 6.44 -23.04 -2.23
CA ILE A 135 5.76 -24.07 -3.01
C ILE A 135 6.20 -25.45 -2.54
N PHE A 136 5.21 -26.34 -2.44
CA PHE A 136 5.43 -27.69 -1.92
C PHE A 136 5.03 -28.72 -2.98
N MET A 137 5.88 -29.72 -3.18
CA MET A 137 5.60 -30.80 -4.10
C MET A 137 4.96 -31.97 -3.32
N GLU A 138 4.56 -33.01 -4.04
CA GLU A 138 4.13 -34.29 -3.48
C GLU A 138 4.22 -35.32 -4.60
N LYS A 139 4.62 -36.54 -4.27
CA LYS A 139 4.99 -37.50 -5.31
C LYS A 139 4.11 -37.38 -6.56
N ASN A 140 4.72 -37.39 -7.74
CA ASN A 140 3.98 -37.26 -9.00
C ASN A 140 4.44 -38.26 -10.05
N VAL A 143 6.18 -37.01 -12.83
CA VAL A 143 6.66 -37.94 -13.86
C VAL A 143 7.54 -37.31 -14.96
N GLY A 144 8.46 -36.44 -14.55
CA GLY A 144 9.38 -35.78 -15.46
C GLY A 144 10.17 -34.73 -14.69
N VAL A 145 10.68 -33.71 -15.37
CA VAL A 145 11.26 -32.53 -14.67
C VAL A 145 10.22 -31.41 -14.58
N PRO A 146 10.02 -30.84 -13.37
CA PRO A 146 8.93 -29.91 -13.11
C PRO A 146 9.20 -28.47 -13.58
N THR A 147 8.13 -27.71 -13.75
CA THR A 147 8.20 -26.33 -14.15
C THR A 147 7.65 -25.50 -13.00
N ILE A 148 8.07 -24.24 -12.87
CA ILE A 148 7.54 -23.44 -11.78
C ILE A 148 6.05 -23.18 -12.00
N GLN A 149 5.67 -23.04 -13.26
CA GLN A 149 4.26 -23.00 -13.64
C GLN A 149 3.54 -24.13 -12.96
N GLN A 150 3.85 -25.35 -13.38
CA GLN A 150 3.21 -26.51 -12.83
C GLN A 150 3.21 -26.34 -11.32
N LEU A 151 4.40 -26.30 -10.76
CA LEU A 151 4.59 -26.35 -9.32
C LEU A 151 3.79 -25.31 -8.54
N LEU A 152 3.86 -24.07 -8.99
CA LEU A 152 3.12 -23.01 -8.33
C LEU A 152 1.63 -23.31 -8.36
N GLU A 153 1.19 -23.91 -9.46
CA GLU A 153 -0.22 -24.15 -9.67
C GLU A 153 -0.72 -25.25 -8.76
N TRP A 154 0.02 -26.36 -8.73
CA TRP A 154 -0.31 -27.50 -7.89
C TRP A 154 -0.38 -27.09 -6.42
N SER A 155 0.50 -26.18 -6.02
CA SER A 155 0.52 -25.71 -4.63
C SER A 155 -0.70 -24.89 -4.27
N PHE A 156 -1.00 -23.90 -5.11
CA PHE A 156 -2.23 -23.13 -4.97
C PHE A 156 -3.49 -24.02 -4.97
N ILE A 157 -3.48 -25.07 -5.79
CA ILE A 157 -4.56 -26.05 -5.77
C ILE A 157 -4.58 -26.77 -4.43
N ASN A 158 -3.60 -27.64 -4.20
CA ASN A 158 -3.57 -28.43 -2.97
C ASN A 158 -3.91 -27.65 -1.71
N SER A 159 -3.61 -26.35 -1.70
CA SER A 159 -3.78 -25.53 -0.51
C SER A 159 -5.04 -24.65 -0.62
N ASN A 160 -5.64 -24.67 -1.81
CA ASN A 160 -6.88 -23.95 -2.15
C ASN A 160 -6.81 -22.42 -2.05
N LEU A 161 -5.89 -21.83 -2.80
CA LEU A 161 -5.59 -20.38 -2.66
C LEU A 161 -5.70 -19.57 -3.96
N LYS A 162 -5.77 -18.25 -3.81
CA LYS A 162 -5.69 -17.35 -4.96
C LYS A 162 -5.07 -16.04 -4.52
N PHE A 163 -4.47 -15.31 -5.47
CA PHE A 163 -3.98 -13.95 -5.20
C PHE A 163 -5.16 -12.96 -5.18
N ALA A 164 -5.35 -12.28 -4.06
CA ALA A 164 -6.39 -11.25 -3.96
C ALA A 164 -6.11 -10.14 -4.96
N GLU A 165 -4.94 -9.52 -4.85
CA GLU A 165 -4.45 -8.62 -5.90
C GLU A 165 -3.20 -9.21 -6.49
N ALA A 166 -2.87 -8.82 -7.73
CA ALA A 166 -1.65 -9.30 -8.34
C ALA A 166 -0.40 -8.64 -7.71
N PRO A 167 0.64 -9.44 -7.42
CA PRO A 167 1.94 -8.96 -6.94
C PRO A 167 2.72 -8.27 -8.04
N SER A 168 3.41 -7.17 -7.73
CA SER A 168 4.41 -6.65 -8.66
C SER A 168 5.72 -7.43 -8.45
N CYS A 169 5.92 -7.87 -7.21
CA CYS A 169 7.07 -8.69 -6.89
C CYS A 169 6.65 -10.03 -6.34
N LEU A 170 7.03 -11.09 -7.04
CA LEU A 170 6.72 -12.43 -6.58
C LEU A 170 7.98 -13.23 -6.30
N ILE A 171 8.26 -13.43 -5.02
CA ILE A 171 9.36 -14.29 -4.61
C ILE A 171 8.86 -15.69 -4.18
N ILE A 172 9.31 -16.70 -4.91
CA ILE A 172 8.89 -18.06 -4.64
C ILE A 172 9.97 -18.96 -4.04
N GLN A 173 9.79 -19.35 -2.78
CA GLN A 173 10.66 -20.37 -2.17
C GLN A 173 10.49 -21.71 -2.87
N MET A 174 11.61 -22.30 -3.28
CA MET A 174 11.62 -23.65 -3.84
C MET A 174 11.39 -24.75 -2.76
N PRO A 175 10.91 -25.93 -3.19
CA PRO A 175 10.64 -27.02 -2.24
C PRO A 175 11.91 -27.62 -1.65
N ARG A 176 12.00 -27.66 -0.33
CA ARG A 176 13.15 -28.29 0.32
C ARG A 176 12.76 -29.65 0.91
N PHE A 177 13.37 -30.71 0.39
CA PHE A 177 12.92 -32.08 0.65
C PHE A 177 13.61 -32.78 1.81
N GLY A 178 14.64 -32.15 2.38
CA GLY A 178 15.26 -32.70 3.56
C GLY A 178 14.17 -32.90 4.58
N LYS A 179 14.42 -33.74 5.58
CA LYS A 179 13.42 -34.00 6.62
C LYS A 179 12.59 -32.75 6.90
N ASP A 180 13.27 -31.61 6.99
CA ASP A 180 12.63 -30.30 7.03
C ASP A 180 13.06 -29.49 5.83
N PHE A 181 14.36 -29.48 5.57
CA PHE A 181 14.92 -28.75 4.43
C PHE A 181 16.29 -29.30 4.09
N LYS A 182 17.00 -28.63 3.18
CA LYS A 182 18.35 -29.00 2.81
C LYS A 182 18.40 -30.19 1.85
N LEU A 183 17.54 -30.15 0.85
CA LEU A 183 17.53 -31.13 -0.21
C LEU A 183 16.62 -30.61 -1.31
N PHE A 184 17.11 -30.63 -2.54
CA PHE A 184 16.39 -30.04 -3.66
C PHE A 184 16.21 -31.06 -4.79
N LYS A 185 15.52 -30.67 -5.86
CA LYS A 185 15.36 -31.54 -7.03
C LYS A 185 15.77 -30.76 -8.28
N LYS A 186 15.58 -31.36 -9.46
CA LYS A 186 15.82 -30.66 -10.73
C LYS A 186 14.56 -29.92 -11.19
N ILE A 187 14.53 -28.61 -10.98
CA ILE A 187 13.33 -27.83 -11.30
C ILE A 187 13.54 -26.82 -12.42
N PHE A 188 12.49 -26.63 -13.23
CA PHE A 188 12.57 -25.69 -14.33
C PHE A 188 12.00 -24.33 -13.94
N PRO A 189 12.86 -23.29 -13.99
CA PRO A 189 12.46 -21.92 -13.64
C PRO A 189 11.82 -21.25 -14.86
N SER A 190 10.49 -21.26 -14.89
CA SER A 190 9.72 -20.72 -15.99
C SER A 190 10.19 -19.31 -16.29
N LEU A 191 10.59 -19.06 -17.53
CA LEU A 191 11.10 -17.76 -17.94
C LEU A 191 10.03 -16.70 -17.72
N GLU A 192 8.79 -17.16 -17.73
CA GLU A 192 7.63 -16.30 -17.53
C GLU A 192 6.66 -16.99 -16.58
N LEU A 193 5.74 -16.21 -16.04
CA LEU A 193 4.73 -16.78 -15.17
C LEU A 193 3.36 -16.19 -15.50
N ASN A 194 2.39 -17.06 -15.76
CA ASN A 194 1.00 -16.64 -16.00
C ASN A 194 0.17 -16.87 -14.76
N ILE A 195 -0.45 -15.82 -14.23
CA ILE A 195 -1.17 -16.00 -12.98
C ILE A 195 -2.68 -15.77 -13.09
N THR A 196 -3.14 -15.40 -14.29
CA THR A 196 -4.55 -15.19 -14.62
C THR A 196 -5.51 -16.10 -13.86
N ASP A 197 -5.32 -17.41 -14.05
CA ASP A 197 -6.20 -18.41 -13.47
C ASP A 197 -5.98 -18.58 -11.97
N LEU A 198 -5.00 -17.85 -11.43
CA LEU A 198 -4.67 -17.91 -10.00
C LEU A 198 -5.08 -16.65 -9.26
N LEU A 199 -5.47 -15.65 -10.03
CA LEU A 199 -5.95 -14.39 -9.50
C LEU A 199 -7.47 -14.41 -9.40
N GLU A 200 -7.98 -13.59 -8.48
CA GLU A 200 -9.39 -13.50 -8.16
C GLU A 200 -10.25 -12.85 -9.24
N ASP A 201 -10.29 -11.52 -9.24
CA ASP A 201 -11.17 -10.79 -10.14
C ASP A 201 -10.53 -10.58 -11.50
N THR A 202 -10.22 -11.67 -12.19
CA THR A 202 -9.61 -11.53 -13.52
C THR A 202 -10.22 -12.46 -14.56
N PRO A 203 -10.60 -11.90 -15.70
CA PRO A 203 -11.08 -12.64 -16.86
C PRO A 203 -10.32 -13.92 -17.09
N ARG A 204 -10.93 -15.03 -16.71
CA ARG A 204 -10.37 -16.35 -16.97
C ARG A 204 -11.06 -16.98 -18.18
N GLN A 205 -10.30 -17.69 -18.98
CA GLN A 205 -10.80 -18.24 -20.22
C GLN A 205 -11.41 -19.63 -20.05
N CYS A 206 -12.69 -19.78 -20.36
CA CYS A 206 -13.30 -21.10 -20.34
C CYS A 206 -12.55 -22.06 -21.25
N ARG A 207 -12.18 -23.20 -20.69
CA ARG A 207 -11.30 -24.15 -21.34
C ARG A 207 -11.73 -24.63 -22.72
N ILE A 208 -13.02 -24.92 -22.88
CA ILE A 208 -13.52 -25.59 -24.07
C ILE A 208 -13.65 -24.68 -25.29
N CYS A 209 -14.39 -23.60 -25.10
CA CYS A 209 -14.75 -22.76 -26.20
C CYS A 209 -13.78 -21.60 -26.25
N GLY A 210 -13.20 -21.30 -25.11
CA GLY A 210 -12.29 -20.17 -25.02
C GLY A 210 -13.07 -18.93 -24.65
N GLY A 211 -14.11 -19.12 -23.87
CA GLY A 211 -14.96 -18.01 -23.49
C GLY A 211 -14.55 -17.39 -22.19
N LEU A 212 -15.49 -16.79 -21.50
CA LEU A 212 -15.27 -16.24 -20.18
C LEU A 212 -15.76 -17.21 -19.12
N ALA A 213 -14.82 -17.85 -18.42
CA ALA A 213 -15.17 -18.79 -17.38
C ALA A 213 -15.96 -18.18 -16.23
N MET A 214 -17.06 -18.82 -15.84
CA MET A 214 -17.83 -18.38 -14.68
C MET A 214 -17.64 -19.34 -13.51
N TYR A 215 -17.15 -20.54 -13.83
CA TYR A 215 -17.06 -21.61 -12.86
C TYR A 215 -15.74 -22.35 -12.93
N GLU A 216 -15.13 -22.49 -11.76
CA GLU A 216 -13.98 -23.35 -11.58
C GLU A 216 -14.46 -24.55 -10.79
N CYS A 217 -13.84 -25.70 -11.01
CA CYS A 217 -14.15 -26.90 -10.25
C CYS A 217 -12.91 -27.71 -9.98
N ARG A 218 -12.56 -27.78 -8.70
CA ARG A 218 -11.46 -28.60 -8.16
C ARG A 218 -11.58 -30.07 -8.51
N GLU A 219 -12.77 -30.62 -8.29
CA GLU A 219 -13.04 -32.02 -8.59
C GLU A 219 -12.69 -32.43 -10.03
N CYS A 220 -12.54 -31.44 -10.90
CA CYS A 220 -12.23 -31.69 -12.30
C CYS A 220 -10.75 -31.85 -12.63
N TYR A 221 -9.88 -31.34 -11.75
CA TYR A 221 -8.43 -31.31 -12.01
C TYR A 221 -7.90 -32.71 -12.32
N ASP A 222 -8.50 -33.68 -11.64
CA ASP A 222 -8.08 -35.07 -11.70
C ASP A 222 -8.63 -35.80 -12.94
N ASP A 223 -9.38 -35.08 -13.78
CA ASP A 223 -9.99 -35.63 -14.99
C ASP A 223 -9.10 -35.44 -16.22
N PRO A 224 -8.46 -36.51 -16.69
CA PRO A 224 -7.47 -36.51 -17.77
C PRO A 224 -8.05 -36.17 -19.14
N ASP A 225 -9.35 -36.33 -19.32
CA ASP A 225 -9.96 -36.16 -20.64
C ASP A 225 -10.28 -34.73 -21.07
N ILE A 226 -10.32 -33.82 -20.12
CA ILE A 226 -10.46 -32.42 -20.45
C ILE A 226 -9.19 -31.69 -20.03
N SER A 227 -8.43 -31.19 -21.01
CA SER A 227 -7.16 -30.48 -20.80
C SER A 227 -6.37 -30.92 -19.56
N ALA A 228 -5.94 -32.18 -19.59
CA ALA A 228 -5.19 -32.79 -18.49
C ALA A 228 -4.16 -31.84 -17.88
N GLY A 229 -4.12 -31.78 -16.56
CA GLY A 229 -3.09 -31.04 -15.87
C GLY A 229 -3.36 -29.56 -15.77
N LYS A 230 -4.21 -29.05 -16.66
CA LYS A 230 -4.59 -27.65 -16.57
C LYS A 230 -5.66 -27.48 -15.51
N ILE A 231 -5.68 -26.34 -14.84
CA ILE A 231 -6.77 -26.03 -13.95
C ILE A 231 -8.06 -25.96 -14.79
N LYS A 232 -9.15 -26.50 -14.25
CA LYS A 232 -10.41 -26.59 -14.98
C LYS A 232 -11.39 -25.45 -14.67
N GLN A 233 -11.67 -24.61 -15.67
CA GLN A 233 -12.72 -23.61 -15.53
C GLN A 233 -13.49 -23.37 -16.84
N PHE A 234 -14.80 -23.19 -16.68
CA PHE A 234 -15.68 -23.10 -17.83
C PHE A 234 -16.63 -21.94 -17.61
N CYS A 235 -17.01 -21.32 -18.71
CA CYS A 235 -18.09 -20.37 -18.66
C CYS A 235 -19.35 -21.12 -18.25
N LYS A 236 -20.42 -20.37 -18.00
CA LYS A 236 -21.69 -20.92 -17.54
C LYS A 236 -22.22 -22.03 -18.41
N THR A 237 -22.20 -21.80 -19.72
CA THR A 237 -22.77 -22.75 -20.65
C THR A 237 -21.94 -24.02 -20.69
N CYS A 238 -20.64 -23.88 -20.89
CA CYS A 238 -19.74 -25.03 -20.91
C CYS A 238 -19.71 -25.74 -19.56
N ASN A 239 -20.02 -25.02 -18.49
CA ASN A 239 -20.11 -25.66 -17.19
C ASN A 239 -21.24 -26.67 -17.10
N THR A 240 -22.45 -26.26 -17.52
CA THR A 240 -23.63 -27.14 -17.50
C THR A 240 -23.40 -28.48 -18.21
N GLN A 241 -22.89 -28.45 -19.44
CA GLN A 241 -22.61 -29.69 -20.16
C GLN A 241 -21.67 -30.61 -19.38
N VAL A 242 -20.45 -30.14 -19.14
CA VAL A 242 -19.43 -30.85 -18.34
C VAL A 242 -20.03 -31.63 -17.15
N HIS A 243 -20.96 -31.01 -16.45
CA HIS A 243 -21.53 -31.63 -15.26
C HIS A 243 -22.87 -32.31 -15.49
N LEU A 244 -23.23 -32.54 -16.76
CA LEU A 244 -24.36 -33.40 -17.11
C LEU A 244 -23.82 -34.77 -17.51
N HIS A 245 -22.50 -34.88 -17.47
CA HIS A 245 -21.84 -36.17 -17.60
C HIS A 245 -21.94 -36.92 -16.27
N PRO A 246 -22.53 -38.12 -16.30
CA PRO A 246 -22.82 -38.99 -15.15
C PRO A 246 -21.70 -39.02 -14.10
N LYS A 247 -20.46 -39.14 -14.57
CA LYS A 247 -19.31 -39.12 -13.67
C LYS A 247 -19.16 -37.80 -12.88
N ARG A 248 -19.59 -36.69 -13.46
CA ARG A 248 -19.39 -35.37 -12.87
C ARG A 248 -20.67 -34.77 -12.28
N LEU A 249 -21.73 -35.58 -12.19
CA LEU A 249 -23.00 -35.13 -11.65
C LEU A 249 -22.86 -34.49 -10.25
N ASN A 250 -21.85 -34.91 -9.51
CA ASN A 250 -21.76 -34.48 -8.12
C ASN A 250 -20.74 -33.39 -7.84
N HIS A 251 -19.81 -33.20 -8.77
CA HIS A 251 -18.73 -32.23 -8.60
C HIS A 251 -19.26 -30.93 -8.02
N LYS A 252 -18.67 -30.54 -6.89
CA LYS A 252 -19.06 -29.30 -6.21
C LYS A 252 -18.29 -28.07 -6.74
N TYR A 253 -18.44 -27.81 -8.04
CA TYR A 253 -17.90 -26.62 -8.70
C TYR A 253 -18.48 -25.36 -8.12
N ASN A 254 -17.76 -24.25 -8.29
CA ASN A 254 -18.14 -22.99 -7.64
C ASN A 254 -17.91 -21.80 -8.55
N PRO A 255 -18.53 -20.68 -8.22
CA PRO A 255 -18.30 -19.51 -9.06
C PRO A 255 -16.91 -18.93 -8.87
N VAL A 256 -16.25 -18.60 -9.98
CA VAL A 256 -15.07 -17.77 -9.91
C VAL A 256 -15.59 -16.33 -9.78
N SER A 257 -15.00 -15.55 -8.87
CA SER A 257 -15.53 -14.21 -8.56
C SER A 257 -15.77 -13.31 -9.78
N LEU A 258 -16.53 -12.24 -9.60
CA LEU A 258 -16.82 -11.27 -10.67
C LEU A 258 -15.92 -10.04 -10.61
N GLN A 275 -2.02 -11.53 -16.91
CA GLN A 275 -1.01 -10.47 -16.83
C GLN A 275 0.33 -11.04 -16.33
N ASN A 276 1.28 -11.22 -17.24
CA ASN A 276 2.43 -12.11 -17.00
C ASN A 276 3.60 -11.54 -16.22
N MET A 277 4.15 -12.40 -15.35
CA MET A 277 5.29 -12.03 -14.52
C MET A 277 6.55 -12.65 -15.08
N GLU A 278 7.63 -11.87 -15.10
CA GLU A 278 8.91 -12.33 -15.66
C GLU A 278 9.91 -12.76 -14.59
N LEU A 279 10.61 -13.85 -14.86
CA LEU A 279 11.69 -14.34 -14.00
C LEU A 279 12.92 -13.45 -14.13
N PHE A 280 13.26 -12.74 -13.07
CA PHE A 280 14.34 -11.77 -13.17
C PHE A 280 15.57 -12.13 -12.34
N ALA A 281 15.45 -13.16 -11.50
CA ALA A 281 16.51 -13.51 -10.56
C ALA A 281 16.35 -14.93 -9.96
N VAL A 282 17.40 -15.73 -9.99
CA VAL A 282 17.38 -17.00 -9.26
C VAL A 282 18.41 -17.09 -8.15
N LEU A 283 18.00 -16.75 -6.94
CA LEU A 283 18.81 -16.99 -5.77
C LEU A 283 19.13 -18.49 -5.66
N CYS A 284 20.40 -18.83 -5.72
CA CYS A 284 20.81 -20.23 -5.59
C CYS A 284 21.56 -20.52 -4.28
N ILE A 285 21.68 -21.81 -3.94
CA ILE A 285 22.34 -22.22 -2.71
C ILE A 285 23.27 -23.42 -2.94
N GLU A 286 24.55 -23.22 -2.64
CA GLU A 286 25.53 -24.30 -2.76
C GLU A 286 26.19 -24.58 -1.41
N THR A 287 25.95 -25.78 -0.88
CA THR A 287 26.47 -26.17 0.44
C THR A 287 26.00 -25.18 1.50
N SER A 288 26.86 -24.22 1.83
CA SER A 288 26.51 -23.18 2.79
C SER A 288 26.51 -21.80 2.13
N HIS A 289 26.87 -21.75 0.85
CA HIS A 289 27.12 -20.47 0.19
C HIS A 289 26.10 -20.13 -0.88
N TYR A 290 25.48 -18.96 -0.73
CA TYR A 290 24.52 -18.45 -1.70
C TYR A 290 25.19 -17.73 -2.87
N VAL A 291 24.76 -18.03 -4.08
CA VAL A 291 25.06 -17.16 -5.23
C VAL A 291 23.75 -16.71 -5.90
N ALA A 292 23.88 -15.79 -6.85
CA ALA A 292 22.70 -15.24 -7.52
C ALA A 292 22.83 -15.27 -9.04
N PHE A 293 21.78 -15.70 -9.70
CA PHE A 293 21.59 -15.33 -11.10
C PHE A 293 20.58 -14.19 -11.17
N VAL A 294 20.92 -13.18 -11.95
CA VAL A 294 20.00 -12.11 -12.24
C VAL A 294 19.81 -12.01 -13.78
N LYS A 295 18.73 -11.40 -14.23
CA LYS A 295 18.52 -11.20 -15.66
C LYS A 295 18.73 -9.74 -16.03
N TYR A 296 19.47 -9.49 -17.11
CA TYR A 296 19.84 -8.12 -17.49
C TYR A 296 19.28 -7.65 -18.84
N GLY A 297 18.27 -8.37 -19.34
CA GLY A 297 17.69 -8.04 -20.63
C GLY A 297 16.82 -9.19 -21.08
N LYS A 298 15.80 -8.89 -21.89
CA LYS A 298 14.78 -9.89 -22.23
C LYS A 298 15.32 -11.05 -23.07
N ASP A 299 16.50 -10.88 -23.65
CA ASP A 299 17.09 -11.97 -24.41
C ASP A 299 17.21 -13.23 -23.54
N ASP A 300 16.90 -14.37 -24.15
CA ASP A 300 17.00 -15.67 -23.48
C ASP A 300 18.37 -15.88 -22.85
N SER A 301 19.42 -15.45 -23.55
CA SER A 301 20.80 -15.64 -23.11
C SER A 301 21.26 -14.56 -22.12
N ALA A 302 20.41 -13.58 -21.85
CA ALA A 302 20.82 -12.39 -21.09
C ALA A 302 20.99 -12.67 -19.59
N TRP A 303 22.01 -13.44 -19.28
CA TRP A 303 22.22 -13.92 -17.91
C TRP A 303 23.59 -13.55 -17.33
N LEU A 304 23.58 -13.20 -16.04
CA LEU A 304 24.81 -12.94 -15.30
C LEU A 304 24.85 -13.76 -14.02
N PHE A 305 25.99 -14.42 -13.78
CA PHE A 305 26.24 -15.07 -12.51
C PHE A 305 26.94 -14.10 -11.57
N PHE A 306 26.62 -14.15 -10.28
CA PHE A 306 27.26 -13.27 -9.30
C PHE A 306 27.72 -14.03 -8.04
N ASP A 307 29.03 -14.25 -7.93
CA ASP A 307 29.60 -14.92 -6.76
C ASP A 307 30.05 -13.91 -5.71
N SER A 308 29.36 -13.89 -4.57
CA SER A 308 29.61 -12.92 -3.49
C SER A 308 31.07 -12.93 -3.05
N MET A 309 31.49 -14.04 -2.46
CA MET A 309 32.87 -14.25 -2.10
C MET A 309 33.53 -14.92 -3.24
N ALA A 310 33.83 -14.17 -4.26
CA ALA A 310 34.31 -14.77 -5.50
C ALA A 310 35.82 -14.90 -5.60
N GLY A 318 42.25 -10.92 3.64
CA GLY A 318 41.59 -10.32 4.79
C GLY A 318 40.22 -9.86 4.33
N PHE A 319 40.04 -9.83 3.02
CA PHE A 319 38.82 -9.37 2.37
C PHE A 319 38.58 -10.14 1.08
N ASN A 320 37.31 -10.24 0.68
CA ASN A 320 36.96 -10.99 -0.53
C ASN A 320 36.77 -10.11 -1.77
N ILE A 321 36.86 -10.74 -2.94
CA ILE A 321 36.73 -10.01 -4.21
C ILE A 321 35.56 -10.54 -5.04
N PRO A 322 34.46 -9.77 -5.07
CA PRO A 322 33.17 -10.07 -5.72
C PRO A 322 33.32 -10.17 -7.23
N GLN A 323 32.48 -11.00 -7.86
CA GLN A 323 32.55 -11.19 -9.30
C GLN A 323 31.17 -11.32 -9.96
N VAL A 324 30.80 -10.31 -10.75
CA VAL A 324 29.61 -10.38 -11.57
C VAL A 324 29.99 -10.80 -12.97
N THR A 325 29.98 -12.10 -13.23
CA THR A 325 30.38 -12.60 -14.53
C THR A 325 29.21 -12.96 -15.46
N PRO A 326 29.33 -12.65 -16.76
CA PRO A 326 28.40 -13.05 -17.82
C PRO A 326 28.01 -14.51 -17.73
N CYS A 327 26.90 -14.90 -18.37
CA CYS A 327 26.34 -16.24 -18.14
C CYS A 327 25.45 -16.70 -19.29
N PRO A 328 25.95 -16.61 -20.53
CA PRO A 328 25.15 -17.00 -21.70
C PRO A 328 24.89 -18.50 -21.76
N GLU A 329 25.64 -19.27 -20.97
CA GLU A 329 25.49 -20.72 -20.94
C GLU A 329 24.14 -21.15 -20.36
N VAL A 330 23.74 -20.49 -19.29
CA VAL A 330 22.49 -20.81 -18.62
C VAL A 330 21.30 -20.49 -19.53
N GLY A 331 21.51 -20.57 -20.84
CA GLY A 331 20.47 -20.23 -21.79
C GLY A 331 20.30 -21.31 -22.84
N GLU A 332 21.41 -21.88 -23.26
CA GLU A 332 21.40 -22.95 -24.26
C GLU A 332 20.72 -24.18 -23.68
N TYR A 333 21.03 -24.48 -22.44
CA TYR A 333 20.37 -25.54 -21.69
C TYR A 333 18.90 -25.16 -21.46
N LEU A 334 18.66 -23.88 -21.29
CA LEU A 334 17.36 -23.34 -20.92
C LEU A 334 16.34 -23.41 -22.08
N LYS A 335 16.82 -23.82 -23.24
CA LYS A 335 15.95 -24.06 -24.38
C LYS A 335 16.07 -25.53 -24.72
N MET A 336 15.75 -26.36 -23.74
CA MET A 336 15.81 -27.78 -23.90
C MET A 336 14.59 -28.39 -23.31
N SER A 337 13.98 -29.30 -24.05
CA SER A 337 12.74 -29.94 -23.64
C SER A 337 12.79 -30.66 -22.30
N LEU A 338 11.78 -30.41 -21.47
CA LEU A 338 11.70 -30.98 -20.12
C LEU A 338 12.28 -32.39 -19.95
N GLU A 339 11.72 -33.38 -20.65
CA GLU A 339 12.18 -34.76 -20.46
C GLU A 339 13.56 -35.01 -21.04
N ASP A 340 14.11 -34.00 -21.71
CA ASP A 340 15.51 -33.99 -22.12
C ASP A 340 16.36 -33.65 -20.90
N LEU A 341 15.98 -32.56 -20.27
CA LEU A 341 16.59 -32.12 -19.02
C LEU A 341 16.43 -33.21 -18.00
N HIS A 342 15.53 -34.13 -18.28
CA HIS A 342 15.30 -35.23 -17.38
C HIS A 342 16.31 -36.35 -17.63
N SER A 343 16.57 -36.62 -18.90
CA SER A 343 17.51 -37.67 -19.28
C SER A 343 18.96 -37.30 -19.01
N LEU A 344 19.29 -36.03 -19.23
CA LEU A 344 20.67 -35.56 -19.08
C LEU A 344 21.13 -35.62 -17.62
N ASP A 345 22.39 -36.00 -17.43
CA ASP A 345 22.99 -36.17 -16.11
C ASP A 345 23.38 -34.82 -15.52
N SER A 346 22.68 -34.42 -14.46
CA SER A 346 22.88 -33.12 -13.84
C SER A 346 24.35 -32.84 -13.53
N ARG A 347 25.07 -33.91 -13.19
CA ARG A 347 26.49 -33.83 -12.84
C ARG A 347 27.35 -33.49 -14.05
N ARG A 348 26.93 -33.96 -15.22
CA ARG A 348 27.69 -33.79 -16.45
C ARG A 348 27.45 -32.45 -17.18
N ILE A 349 26.83 -31.47 -16.51
CA ILE A 349 26.50 -30.21 -17.15
C ILE A 349 27.27 -28.99 -16.61
N GLN A 350 27.12 -27.86 -17.28
CA GLN A 350 27.92 -26.66 -17.01
C GLN A 350 28.01 -26.28 -15.53
N GLY A 351 29.02 -25.49 -15.21
CA GLY A 351 29.25 -25.01 -13.85
C GLY A 351 28.40 -23.79 -13.55
N CYS A 352 27.51 -23.47 -14.49
CA CYS A 352 26.51 -22.43 -14.27
C CYS A 352 25.15 -23.11 -14.18
N ALA A 353 24.72 -23.63 -15.33
CA ALA A 353 23.39 -24.24 -15.46
C ALA A 353 23.04 -25.18 -14.31
N ARG A 354 23.76 -26.28 -14.20
CA ARG A 354 23.64 -27.20 -13.07
C ARG A 354 23.16 -26.49 -11.82
N ARG A 355 23.86 -25.44 -11.43
CA ARG A 355 23.53 -24.71 -10.22
C ARG A 355 22.12 -24.12 -10.25
N LEU A 356 21.81 -23.37 -11.29
CA LEU A 356 20.51 -22.71 -11.37
C LEU A 356 19.37 -23.71 -11.49
N LEU A 357 19.60 -24.81 -12.22
CA LEU A 357 18.58 -25.86 -12.37
C LEU A 357 18.49 -26.74 -11.14
N CYS A 358 19.64 -27.15 -10.63
CA CYS A 358 19.71 -28.17 -9.60
C CYS A 358 19.74 -27.59 -8.19
N ASP A 359 20.15 -26.33 -8.06
CA ASP A 359 20.38 -25.75 -6.72
C ASP A 359 19.58 -24.47 -6.44
N ALA A 360 18.58 -24.20 -7.27
CA ALA A 360 17.71 -23.05 -7.13
C ALA A 360 17.13 -22.95 -5.72
N TYR A 361 17.26 -21.79 -5.08
CA TYR A 361 16.73 -21.59 -3.72
C TYR A 361 15.49 -20.72 -3.73
N MET A 362 15.60 -19.58 -4.40
CA MET A 362 14.46 -18.71 -4.63
C MET A 362 14.38 -18.41 -6.11
N CYS A 363 13.19 -18.08 -6.56
CA CYS A 363 13.00 -17.50 -7.87
C CYS A 363 12.13 -16.28 -7.67
N MET A 364 12.48 -15.19 -8.31
CA MET A 364 11.72 -13.99 -8.16
C MET A 364 11.16 -13.55 -9.45
N TYR A 365 9.98 -12.97 -9.41
CA TYR A 365 9.27 -12.51 -10.61
C TYR A 365 8.68 -11.16 -10.36
N GLN A 366 8.37 -10.45 -11.45
CA GLN A 366 7.81 -9.11 -11.39
C GLN A 366 7.06 -8.76 -12.67
N SER A 367 6.23 -7.72 -12.58
CA SER A 367 5.66 -7.04 -13.74
C SER A 367 6.76 -6.87 -14.78
N PRO A 368 6.48 -7.19 -16.04
CA PRO A 368 7.55 -7.07 -17.04
C PRO A 368 7.96 -5.61 -17.20
N THR A 369 7.17 -4.71 -16.61
CA THR A 369 7.46 -3.29 -16.61
C THR A 369 8.44 -2.89 -15.49
N MET A 370 9.35 -3.78 -15.11
CA MET A 370 10.07 -3.57 -13.86
C MET A 370 11.60 -3.74 -13.92
N SER A 371 12.12 -4.18 -15.08
CA SER A 371 13.56 -4.20 -15.30
C SER A 371 14.10 -2.79 -15.08
N LEU A 372 15.42 -2.64 -15.08
CA LEU A 372 16.02 -1.32 -14.93
C LEU A 372 16.46 -0.79 -16.28
N TYR A 373 15.78 -1.20 -17.33
CA TYR A 373 16.11 -0.73 -18.67
C TYR A 373 14.85 -0.47 -19.52
N LYS A 374 14.71 0.78 -19.94
CA LYS A 374 13.62 1.22 -20.79
C LYS A 374 14.10 1.55 -22.20
N GLY B 1 -17.58 -7.23 16.93
CA GLY B 1 -18.18 -6.76 18.17
C GLY B 1 -18.82 -5.39 18.03
N LEU B 2 -19.77 -5.28 17.10
CA LEU B 2 -20.37 -3.99 16.81
C LEU B 2 -21.88 -3.95 17.06
N GLU B 3 -22.47 -5.08 17.42
CA GLU B 3 -23.90 -5.14 17.71
C GLU B 3 -24.21 -4.41 19.01
N ILE B 4 -23.45 -3.36 19.29
CA ILE B 4 -23.56 -2.62 20.54
C ILE B 4 -24.01 -1.21 20.27
N MET B 5 -23.49 -0.65 19.21
CA MET B 5 -23.64 0.76 18.93
C MET B 5 -24.83 1.10 18.06
N ILE B 6 -25.18 0.18 17.18
CA ILE B 6 -26.28 0.36 16.24
C ILE B 6 -27.63 0.20 16.94
N GLY B 7 -28.65 0.88 16.41
CA GLY B 7 -30.01 0.78 16.92
C GLY B 7 -30.57 2.07 17.48
N LYS B 8 -31.77 1.97 18.08
CA LYS B 8 -32.44 3.11 18.70
C LYS B 8 -32.08 3.16 20.17
N LYS B 9 -32.13 4.34 20.77
CA LYS B 9 -31.59 4.54 22.11
C LYS B 9 -30.09 4.17 22.11
N LYS B 10 -29.43 4.44 20.98
CA LYS B 10 -28.00 4.21 20.82
C LYS B 10 -27.30 5.51 20.41
N GLY B 11 -26.07 5.70 20.89
CA GLY B 11 -25.32 6.91 20.59
C GLY B 11 -25.53 7.96 21.66
N ILE B 12 -25.37 9.23 21.30
CA ILE B 12 -25.41 10.27 22.32
C ILE B 12 -26.74 11.02 22.44
N GLN B 13 -27.40 10.84 23.57
CA GLN B 13 -28.67 11.53 23.86
C GLN B 13 -28.57 13.03 23.60
N GLY B 14 -29.69 13.63 23.18
CA GLY B 14 -29.74 15.05 22.91
C GLY B 14 -30.47 15.83 23.99
N HIS B 15 -30.31 17.15 23.95
CA HIS B 15 -31.00 18.01 24.89
C HIS B 15 -30.93 19.48 24.45
N TYR B 16 -32.02 20.20 24.65
CA TYR B 16 -32.17 21.55 24.12
C TYR B 16 -31.27 21.77 22.90
N ASN B 17 -30.28 22.65 23.02
CA ASN B 17 -29.43 22.97 21.86
C ASN B 17 -28.10 22.21 21.87
N SER B 18 -28.15 20.90 21.75
CA SER B 18 -26.97 20.08 22.05
C SER B 18 -26.22 19.48 20.85
N CYS B 19 -26.71 19.76 19.66
CA CYS B 19 -26.26 19.08 18.45
C CYS B 19 -24.83 19.36 17.97
N TYR B 20 -24.45 20.63 17.96
CA TYR B 20 -23.11 21.05 17.52
C TYR B 20 -22.06 20.42 18.42
N LEU B 21 -22.53 19.77 19.48
CA LEU B 21 -21.68 19.18 20.47
C LEU B 21 -21.77 17.64 20.41
N ASP B 22 -22.99 17.13 20.51
CA ASP B 22 -23.25 15.68 20.53
C ASP B 22 -22.70 14.98 19.29
N SER B 23 -23.00 15.56 18.13
CA SER B 23 -22.64 14.95 16.87
C SER B 23 -21.20 15.25 16.48
N THR B 24 -20.53 16.05 17.30
CA THR B 24 -19.10 16.33 17.08
C THR B 24 -18.24 15.30 17.83
N LEU B 25 -18.51 15.11 19.11
CA LEU B 25 -17.87 14.05 19.88
C LEU B 25 -18.11 12.72 19.19
N PHE B 26 -19.38 12.46 18.87
CA PHE B 26 -19.70 11.24 18.16
C PHE B 26 -18.84 11.00 16.90
N CYS B 27 -18.68 12.02 16.07
CA CYS B 27 -17.88 11.88 14.85
C CYS B 27 -16.42 11.50 15.12
N LEU B 28 -15.83 12.15 16.12
CA LEU B 28 -14.43 11.98 16.43
C LEU B 28 -14.17 10.68 17.21
N PHE B 29 -15.04 10.40 18.17
CA PHE B 29 -14.75 9.43 19.22
C PHE B 29 -15.56 8.14 19.14
N ALA B 30 -16.28 7.93 18.05
CA ALA B 30 -17.15 6.76 18.00
C ALA B 30 -16.40 5.58 17.40
N PHE B 31 -15.70 5.82 16.30
CA PHE B 31 -14.91 4.77 15.68
C PHE B 31 -13.55 5.29 15.25
N SER B 32 -12.93 6.11 16.09
CA SER B 32 -11.69 6.78 15.70
C SER B 32 -10.76 7.05 16.89
N SER B 33 -9.46 6.85 16.68
CA SER B 33 -8.46 7.17 17.69
C SER B 33 -7.61 8.34 17.25
N VAL B 34 -8.20 9.25 16.47
CA VAL B 34 -7.46 10.40 15.96
C VAL B 34 -7.28 11.47 17.02
N LEU B 35 -7.96 11.31 18.16
CA LEU B 35 -7.86 12.26 19.25
C LEU B 35 -7.89 11.56 20.60
N ASP B 36 -7.52 10.29 20.62
CA ASP B 36 -7.58 9.50 21.86
C ASP B 36 -6.58 9.97 22.90
N THR B 37 -5.49 10.57 22.43
CA THR B 37 -4.46 11.17 23.29
C THR B 37 -5.04 12.22 24.21
N VAL B 38 -6.13 12.85 23.77
CA VAL B 38 -6.78 13.91 24.53
C VAL B 38 -7.40 13.37 25.81
N LEU B 39 -7.83 12.11 25.77
CA LEU B 39 -8.42 11.46 26.94
C LEU B 39 -7.36 11.03 27.95
N LEU B 40 -6.11 10.99 27.52
CA LEU B 40 -5.06 10.33 28.29
C LEU B 40 -3.97 11.27 28.81
N ARG B 41 -3.47 12.14 27.93
CA ARG B 41 -2.43 13.10 28.27
C ARG B 41 -2.55 13.58 29.72
N PRO B 42 -1.50 13.35 30.51
CA PRO B 42 -1.44 13.79 31.91
C PRO B 42 -1.32 15.32 32.04
N LYS B 43 -1.95 15.86 33.07
CA LYS B 43 -1.95 17.29 33.36
C LYS B 43 -0.55 17.80 33.72
N GLU B 44 -0.07 18.74 32.92
CA GLU B 44 1.22 19.38 33.15
C GLU B 44 1.02 20.69 33.92
N LYS B 45 2.11 21.34 34.32
CA LYS B 45 1.99 22.47 35.23
C LYS B 45 1.19 23.60 34.61
N ASN B 46 1.32 23.75 33.30
CA ASN B 46 0.75 24.90 32.62
C ASN B 46 -0.74 24.76 32.30
N ASP B 47 -1.23 23.53 32.29
CA ASP B 47 -2.65 23.27 32.03
C ASP B 47 -3.57 24.08 32.95
N VAL B 48 -4.80 24.33 32.49
CA VAL B 48 -5.79 25.10 33.25
C VAL B 48 -6.38 24.34 34.43
N GLU B 49 -7.10 25.05 35.29
CA GLU B 49 -7.55 24.49 36.56
C GLU B 49 -8.48 23.27 36.43
N TYR B 50 -9.28 23.24 35.38
CA TYR B 50 -10.30 22.21 35.22
C TYR B 50 -9.90 21.12 34.24
N TYR B 51 -8.67 21.21 33.74
CA TYR B 51 -8.12 20.22 32.82
C TYR B 51 -8.46 18.79 33.24
N SER B 52 -8.33 18.51 34.53
CA SER B 52 -8.50 17.16 35.04
C SER B 52 -9.97 16.71 35.02
N GLU B 53 -10.87 17.62 35.39
CA GLU B 53 -12.31 17.36 35.47
C GLU B 53 -12.94 17.13 34.10
N THR B 54 -12.54 17.98 33.15
CA THR B 54 -13.04 17.95 31.79
C THR B 54 -12.50 16.76 31.01
N GLN B 55 -11.19 16.55 31.15
CA GLN B 55 -10.48 15.43 30.59
C GLN B 55 -11.10 14.14 31.11
N GLU B 56 -11.61 14.19 32.34
CA GLU B 56 -12.06 13.02 33.05
C GLU B 56 -13.47 12.63 32.64
N LEU B 57 -14.38 13.61 32.64
CA LEU B 57 -15.76 13.38 32.19
C LEU B 57 -15.77 12.97 30.72
N LEU B 58 -15.09 13.75 29.90
CA LEU B 58 -14.99 13.46 28.49
C LEU B 58 -14.48 12.03 28.25
N ARG B 59 -13.44 11.64 28.99
CA ARG B 59 -12.82 10.32 28.83
C ARG B 59 -13.67 9.18 29.36
N THR B 60 -14.22 9.34 30.55
CA THR B 60 -14.85 8.23 31.24
C THR B 60 -16.37 8.24 31.20
N GLU B 61 -16.95 9.44 31.13
CA GLU B 61 -18.39 9.62 31.21
C GLU B 61 -19.03 9.86 29.85
N ILE B 62 -18.27 9.66 28.79
CA ILE B 62 -18.81 9.89 27.47
C ILE B 62 -18.21 8.93 26.49
N VAL B 63 -16.93 9.10 26.21
CA VAL B 63 -16.31 8.32 25.16
C VAL B 63 -16.31 6.83 25.46
N ASN B 64 -16.26 6.48 26.74
CA ASN B 64 -16.17 5.08 27.12
C ASN B 64 -17.54 4.40 27.08
N PRO B 65 -18.52 4.92 27.86
CA PRO B 65 -19.89 4.40 27.78
C PRO B 65 -20.30 4.34 26.31
N LEU B 66 -19.91 5.37 25.58
CA LEU B 66 -20.15 5.40 24.16
C LEU B 66 -19.55 4.19 23.47
N ARG B 67 -18.30 3.86 23.78
CA ARG B 67 -17.59 2.78 23.10
C ARG B 67 -17.92 1.39 23.64
N ILE B 68 -17.90 1.25 24.95
CA ILE B 68 -18.30 -0.01 25.59
C ILE B 68 -19.76 -0.34 25.25
N TYR B 69 -20.66 0.51 25.74
CA TYR B 69 -22.10 0.22 25.77
C TYR B 69 -22.86 0.59 24.48
N GLY B 70 -22.43 1.69 23.86
CA GLY B 70 -23.05 2.14 22.62
C GLY B 70 -24.05 3.24 22.87
N TYR B 71 -24.02 3.83 24.06
CA TYR B 71 -24.94 4.91 24.38
C TYR B 71 -24.41 5.83 25.49
N VAL B 72 -24.69 7.13 25.36
CA VAL B 72 -24.30 8.12 26.37
C VAL B 72 -25.51 8.97 26.75
N CYS B 73 -25.57 9.40 28.01
CA CYS B 73 -26.72 10.13 28.52
C CYS B 73 -26.50 11.63 28.56
N ALA B 74 -27.51 12.37 28.10
CA ALA B 74 -27.47 13.84 28.05
C ALA B 74 -26.97 14.46 29.36
N THR B 75 -27.34 13.83 30.47
CA THR B 75 -26.92 14.24 31.81
C THR B 75 -25.47 14.67 31.82
N LYS B 76 -24.65 13.85 31.17
CA LYS B 76 -23.20 14.03 31.07
C LYS B 76 -22.80 15.16 30.12
N ILE B 77 -23.72 15.57 29.28
CA ILE B 77 -23.43 16.63 28.31
C ILE B 77 -23.87 17.99 28.85
N MET B 78 -24.78 18.00 29.79
CA MET B 78 -25.03 19.22 30.55
C MET B 78 -23.80 19.41 31.39
N LYS B 79 -23.33 18.31 31.99
CA LYS B 79 -22.05 18.30 32.70
C LYS B 79 -20.95 18.98 31.88
N LEU B 80 -20.75 18.52 30.64
CA LEU B 80 -19.75 19.10 29.75
C LEU B 80 -20.05 20.55 29.41
N ARG B 81 -21.29 20.81 29.03
CA ARG B 81 -21.74 22.14 28.64
C ARG B 81 -21.43 23.15 29.73
N LYS B 82 -21.60 22.72 30.99
CA LYS B 82 -21.40 23.60 32.14
C LYS B 82 -19.94 24.03 32.31
N ILE B 83 -19.00 23.23 31.82
CA ILE B 83 -17.60 23.63 31.80
C ILE B 83 -17.36 24.60 30.64
N LEU B 84 -17.84 24.23 29.45
CA LEU B 84 -17.79 25.12 28.29
C LEU B 84 -18.43 26.46 28.60
N GLU B 85 -19.48 26.43 29.41
CA GLU B 85 -20.16 27.64 29.85
C GLU B 85 -19.22 28.52 30.67
N LYS B 86 -18.90 28.06 31.87
CA LYS B 86 -18.03 28.79 32.80
C LYS B 86 -16.75 29.32 32.14
N VAL B 87 -16.23 28.58 31.16
CA VAL B 87 -14.99 28.95 30.50
C VAL B 87 -15.13 30.16 29.57
N GLU B 88 -16.17 30.15 28.74
CA GLU B 88 -16.36 31.20 27.74
C GLU B 88 -16.39 32.59 28.37
N ALA B 89 -16.30 32.65 29.69
CA ALA B 89 -16.19 33.92 30.40
C ALA B 89 -14.85 34.61 30.13
N LYS B 98 -22.46 28.26 20.40
CA LYS B 98 -22.73 28.46 18.98
C LYS B 98 -22.53 27.26 18.04
N ASP B 99 -21.29 26.99 17.63
CA ASP B 99 -21.02 26.03 16.57
C ASP B 99 -19.94 24.99 16.91
N PRO B 100 -19.93 23.87 16.17
CA PRO B 100 -18.91 22.83 16.27
C PRO B 100 -17.50 23.38 16.34
N GLU B 101 -17.15 24.34 15.48
CA GLU B 101 -15.83 24.95 15.55
C GLU B 101 -15.67 25.57 16.92
N GLU B 102 -16.51 26.56 17.21
CA GLU B 102 -16.54 27.20 18.52
C GLU B 102 -16.19 26.18 19.60
N PHE B 103 -16.81 25.01 19.50
CA PHE B 103 -16.64 23.92 20.45
C PHE B 103 -15.21 23.36 20.41
N LEU B 104 -14.76 22.98 19.22
CA LEU B 104 -13.42 22.43 19.05
C LEU B 104 -12.30 23.21 19.74
N ASN B 105 -12.39 24.53 19.76
CA ASN B 105 -11.28 25.34 20.25
C ASN B 105 -11.47 25.87 21.66
N ILE B 106 -12.63 25.61 22.25
CA ILE B 106 -12.81 25.92 23.65
C ILE B 106 -12.33 24.70 24.42
N LEU B 107 -12.70 23.52 23.95
CA LEU B 107 -12.26 22.28 24.56
C LEU B 107 -10.81 21.96 24.16
N PHE B 108 -10.63 21.54 22.91
CA PHE B 108 -9.34 21.03 22.45
C PHE B 108 -8.25 22.09 22.41
N HIS B 109 -8.61 23.35 22.65
CA HIS B 109 -7.60 24.39 22.64
C HIS B 109 -7.37 25.01 24.01
N HIS B 110 -8.21 25.98 24.38
CA HIS B 110 -8.00 26.73 25.60
C HIS B 110 -8.14 25.88 26.84
N ILE B 111 -8.68 24.68 26.70
CA ILE B 111 -8.95 23.80 27.85
C ILE B 111 -8.05 22.57 27.92
N LEU B 112 -7.86 21.89 26.79
CA LEU B 112 -7.14 20.63 26.81
C LEU B 112 -5.75 20.73 26.19
N ARG B 113 -5.37 21.96 25.86
CA ARG B 113 -4.06 22.23 25.26
C ARG B 113 -3.60 21.08 24.37
N VAL B 114 -4.35 20.87 23.30
CA VAL B 114 -4.01 19.86 22.32
C VAL B 114 -3.08 20.47 21.28
N GLU B 115 -2.09 19.68 20.86
CA GLU B 115 -1.23 20.05 19.77
C GLU B 115 -2.08 20.50 18.58
N PRO B 116 -1.69 21.61 17.95
CA PRO B 116 -2.31 22.04 16.69
C PRO B 116 -2.53 20.84 15.78
N LEU B 117 -3.74 20.66 15.27
CA LEU B 117 -4.06 19.50 14.44
C LEU B 117 -3.31 19.54 13.11
N LEU B 118 -3.32 20.71 12.49
CA LEU B 118 -2.78 20.91 11.16
C LEU B 118 -1.62 21.89 11.18
N LYS B 119 -0.63 21.66 10.32
CA LYS B 119 0.51 22.56 10.27
C LYS B 119 0.69 23.14 8.87
N ILE B 120 0.35 24.41 8.74
CA ILE B 120 0.27 25.02 7.42
C ILE B 120 1.15 26.25 7.24
N ARG B 121 2.11 26.17 6.33
CA ARG B 121 2.87 27.36 5.98
C ARG B 121 2.56 27.83 4.56
N SER B 122 2.17 29.09 4.45
CA SER B 122 1.94 29.69 3.15
C SER B 122 3.21 30.40 2.71
N ALA B 123 3.64 30.14 1.48
CA ALA B 123 4.76 30.87 0.90
C ALA B 123 5.93 31.02 1.86
N GLY B 124 6.58 29.92 2.19
CA GLY B 124 7.76 29.93 3.04
C GLY B 124 7.72 30.92 4.20
N GLN B 125 6.52 31.17 4.73
CA GLN B 125 6.36 32.01 5.91
C GLN B 125 6.55 31.14 7.14
N LYS B 126 6.04 31.60 8.27
CA LYS B 126 6.05 30.77 9.47
C LYS B 126 4.80 29.89 9.45
N VAL B 127 4.95 28.66 9.94
CA VAL B 127 3.85 27.69 9.97
C VAL B 127 2.69 28.13 10.86
N GLN B 128 1.46 27.93 10.36
CA GLN B 128 0.26 28.33 11.08
C GLN B 128 -0.41 27.13 11.74
N ASP B 129 -0.83 27.33 13.00
CA ASP B 129 -1.42 26.27 13.80
C ASP B 129 -2.95 26.36 13.77
N CYS B 130 -3.59 25.25 13.46
CA CYS B 130 -5.04 25.22 13.36
C CYS B 130 -5.57 23.79 13.41
N TYR B 131 -6.84 23.64 13.78
CA TYR B 131 -7.43 22.32 13.99
C TYR B 131 -8.29 21.88 12.81
N PHE B 132 -8.59 22.83 11.96
CA PHE B 132 -9.46 22.59 10.82
C PHE B 132 -9.05 23.46 9.65
N TYR B 133 -9.60 23.17 8.48
CA TYR B 133 -9.37 23.98 7.29
C TYR B 133 -10.66 24.42 6.61
N GLN B 134 -10.77 25.71 6.30
CA GLN B 134 -11.90 26.25 5.57
C GLN B 134 -11.63 26.28 4.07
N ILE B 135 -12.52 25.68 3.27
CA ILE B 135 -12.37 25.66 1.81
C ILE B 135 -13.24 26.68 1.04
N PHE B 136 -12.71 27.18 -0.08
CA PHE B 136 -13.36 28.20 -0.93
C PHE B 136 -13.27 27.82 -2.41
N PRO B 146 -18.18 19.28 -7.75
CA PRO B 146 -16.76 19.28 -7.37
C PRO B 146 -16.45 18.39 -6.17
N THR B 147 -15.29 17.73 -6.17
CA THR B 147 -14.83 16.95 -5.01
C THR B 147 -14.13 17.79 -3.94
N ILE B 148 -14.04 17.23 -2.73
CA ILE B 148 -13.25 17.81 -1.65
C ILE B 148 -11.77 17.85 -2.06
N GLN B 149 -11.36 16.83 -2.80
CA GLN B 149 -10.04 16.80 -3.40
C GLN B 149 -9.87 18.05 -4.25
N GLN B 150 -10.64 18.15 -5.32
CA GLN B 150 -10.52 19.25 -6.28
C GLN B 150 -10.56 20.63 -5.65
N LEU B 151 -11.46 20.81 -4.70
CA LEU B 151 -11.60 22.08 -3.99
C LEU B 151 -10.39 22.36 -3.11
N LEU B 152 -9.69 21.30 -2.76
CA LEU B 152 -8.56 21.43 -1.84
C LEU B 152 -7.28 21.78 -2.60
N GLU B 153 -6.95 21.01 -3.62
CA GLU B 153 -5.82 21.35 -4.46
C GLU B 153 -5.96 22.85 -4.66
N TRP B 154 -7.17 23.26 -5.02
CA TRP B 154 -7.51 24.67 -5.22
C TRP B 154 -7.31 25.57 -4.00
N SER B 155 -8.20 25.47 -3.02
CA SER B 155 -8.15 26.35 -1.85
C SER B 155 -6.73 26.58 -1.37
N PHE B 156 -5.94 25.51 -1.42
CA PHE B 156 -4.60 25.50 -0.91
C PHE B 156 -3.71 26.34 -1.78
N ILE B 157 -3.75 26.04 -3.08
CA ILE B 157 -2.93 26.73 -4.06
C ILE B 157 -3.31 28.21 -4.21
N ASN B 158 -4.48 28.59 -3.71
CA ASN B 158 -4.89 29.99 -3.77
C ASN B 158 -4.00 30.86 -2.91
N SER B 159 -3.77 30.43 -1.68
CA SER B 159 -2.95 31.21 -0.74
C SER B 159 -1.50 30.71 -0.66
N ASN B 160 -1.12 29.87 -1.63
CA ASN B 160 0.15 29.15 -1.62
C ASN B 160 0.38 28.45 -0.30
N LEU B 161 -0.53 27.55 0.03
CA LEU B 161 -0.43 26.81 1.27
C LEU B 161 0.41 25.57 1.05
N LYS B 162 1.04 25.11 2.13
CA LYS B 162 1.67 23.81 2.13
C LYS B 162 1.57 23.22 3.51
N PHE B 163 1.42 21.91 3.57
CA PHE B 163 1.54 21.18 4.82
C PHE B 163 3.03 20.94 5.15
N ALA B 164 3.46 21.40 6.32
CA ALA B 164 4.82 21.11 6.81
C ALA B 164 5.02 19.61 7.03
N GLU B 165 4.33 19.08 8.03
CA GLU B 165 4.30 17.65 8.23
C GLU B 165 2.90 17.11 7.96
N ALA B 166 2.83 15.87 7.48
CA ALA B 166 1.55 15.23 7.22
C ALA B 166 0.73 15.06 8.50
N PRO B 167 -0.46 15.67 8.54
CA PRO B 167 -1.41 15.58 9.66
C PRO B 167 -1.92 14.15 9.92
N SER B 168 -2.57 13.97 11.07
CA SER B 168 -3.23 12.70 11.41
C SER B 168 -4.75 12.84 11.36
N CYS B 169 -5.21 14.07 11.50
CA CYS B 169 -6.63 14.41 11.51
C CYS B 169 -6.89 15.72 10.77
N LEU B 170 -7.37 15.59 9.53
CA LEU B 170 -7.71 16.73 8.70
C LEU B 170 -9.21 17.03 8.75
N ILE B 171 -9.56 18.11 9.43
CA ILE B 171 -10.95 18.53 9.57
C ILE B 171 -11.28 19.67 8.62
N ILE B 172 -11.92 19.34 7.50
CA ILE B 172 -12.27 20.32 6.47
C ILE B 172 -13.63 20.99 6.70
N GLN B 173 -13.58 22.30 6.84
CA GLN B 173 -14.79 23.11 6.97
C GLN B 173 -15.45 23.23 5.61
N MET B 174 -16.68 22.76 5.49
CA MET B 174 -17.40 22.94 4.25
C MET B 174 -17.72 24.41 4.11
N PRO B 175 -17.60 24.92 2.89
CA PRO B 175 -17.86 26.32 2.56
C PRO B 175 -19.27 26.74 2.99
N ARG B 176 -19.38 27.83 3.75
CA ARG B 176 -20.67 28.34 4.16
C ARG B 176 -21.30 29.21 3.07
N LYS B 185 -23.20 23.90 -4.10
CA LYS B 185 -24.50 23.35 -4.48
C LYS B 185 -24.53 21.83 -4.27
N LYS B 186 -23.55 21.15 -4.85
CA LYS B 186 -23.41 19.70 -4.67
C LYS B 186 -21.95 19.26 -4.66
N ILE B 187 -21.40 19.11 -3.44
CA ILE B 187 -19.99 18.77 -3.26
C ILE B 187 -19.75 17.30 -2.96
N PHE B 188 -18.96 16.64 -3.79
CA PHE B 188 -18.61 15.25 -3.55
C PHE B 188 -17.41 15.11 -2.62
N PRO B 189 -17.65 14.73 -1.37
CA PRO B 189 -16.57 14.52 -0.42
C PRO B 189 -15.73 13.29 -0.77
N SER B 190 -14.70 13.48 -1.59
CA SER B 190 -13.83 12.38 -1.98
C SER B 190 -13.53 11.52 -0.77
N LEU B 191 -13.50 10.21 -0.97
CA LEU B 191 -13.40 9.27 0.15
C LEU B 191 -11.97 9.13 0.61
N GLU B 192 -11.06 9.24 -0.34
CA GLU B 192 -9.64 9.33 -0.03
C GLU B 192 -9.04 10.58 -0.65
N LEU B 193 -8.27 11.30 0.14
CA LEU B 193 -7.52 12.46 -0.35
C LEU B 193 -6.12 12.05 -0.75
N ASN B 194 -5.60 12.61 -1.83
CA ASN B 194 -4.19 12.46 -2.18
C ASN B 194 -3.47 13.75 -1.81
N ILE B 195 -2.87 13.79 -0.61
CA ILE B 195 -2.26 15.03 -0.12
C ILE B 195 -0.85 15.30 -0.64
N THR B 196 -0.23 14.28 -1.22
CA THR B 196 1.11 14.38 -1.78
C THR B 196 1.51 15.77 -2.29
N ASP B 197 0.67 16.35 -3.15
CA ASP B 197 1.01 17.60 -3.85
C ASP B 197 0.77 18.84 -3.01
N LEU B 198 0.49 18.67 -1.72
CA LEU B 198 0.29 19.79 -0.81
C LEU B 198 1.34 19.75 0.30
N LEU B 199 2.31 18.86 0.17
CA LEU B 199 3.30 18.65 1.20
C LEU B 199 4.71 19.06 0.76
N GLU B 200 5.42 19.73 1.65
CA GLU B 200 6.75 20.27 1.36
C GLU B 200 7.80 19.18 1.10
N ASP B 201 8.24 18.55 2.18
CA ASP B 201 9.42 17.70 2.10
C ASP B 201 9.27 16.51 1.14
N THR B 202 8.04 16.11 0.87
CA THR B 202 7.80 14.80 0.23
C THR B 202 8.11 14.72 -1.25
N PRO B 203 8.51 13.53 -1.72
CA PRO B 203 8.68 13.24 -3.16
C PRO B 203 7.38 13.48 -3.94
N ARG B 204 7.50 13.49 -5.26
CA ARG B 204 6.40 13.92 -6.12
C ARG B 204 6.62 13.46 -7.55
N GLN B 205 5.54 13.41 -8.31
CA GLN B 205 5.58 12.81 -9.63
C GLN B 205 5.45 13.82 -10.78
N CYS B 206 6.32 13.70 -11.77
CA CYS B 206 6.13 14.52 -12.95
C CYS B 206 4.79 14.17 -13.61
N ARG B 207 3.99 15.20 -13.85
CA ARG B 207 2.69 15.06 -14.47
C ARG B 207 2.81 14.44 -15.85
N ILE B 208 3.90 14.73 -16.54
CA ILE B 208 4.08 14.21 -17.89
C ILE B 208 4.53 12.77 -17.89
N CYS B 209 5.79 12.52 -17.54
CA CYS B 209 6.34 11.18 -17.65
C CYS B 209 6.21 10.35 -16.37
N GLY B 210 5.80 10.99 -15.29
CA GLY B 210 5.66 10.30 -14.01
C GLY B 210 6.96 10.04 -13.26
N GLY B 211 8.00 10.81 -13.61
CA GLY B 211 9.27 10.76 -12.91
C GLY B 211 9.22 11.52 -11.61
N LEU B 212 10.36 11.66 -10.96
CA LEU B 212 10.41 12.43 -9.72
C LEU B 212 10.41 13.92 -10.05
N ALA B 213 9.45 14.64 -9.48
CA ALA B 213 9.28 16.04 -9.83
C ALA B 213 10.37 16.89 -9.20
N MET B 214 10.92 17.82 -9.99
CA MET B 214 12.01 18.68 -9.56
C MET B 214 11.57 20.12 -9.32
N TYR B 215 10.67 20.59 -10.17
CA TYR B 215 10.08 21.92 -10.00
C TYR B 215 8.56 21.85 -10.06
N GLU B 216 7.91 22.77 -9.37
CA GLU B 216 6.47 22.96 -9.49
C GLU B 216 6.21 24.33 -10.16
N CYS B 217 4.98 24.60 -10.61
CA CYS B 217 4.65 25.93 -11.15
C CYS B 217 3.23 26.42 -10.92
N ARG B 218 3.10 27.47 -10.11
CA ARG B 218 1.80 28.08 -9.82
C ARG B 218 1.19 28.72 -11.06
N GLU B 219 2.01 29.39 -11.86
CA GLU B 219 1.51 30.03 -13.07
C GLU B 219 0.95 29.04 -14.09
N CYS B 220 1.22 27.75 -13.89
CA CYS B 220 0.80 26.72 -14.84
C CYS B 220 -0.50 26.03 -14.46
N TYR B 221 -1.05 26.43 -13.32
CA TYR B 221 -2.26 25.78 -12.83
C TYR B 221 -3.45 26.15 -13.70
N ASP B 222 -3.47 27.40 -14.13
CA ASP B 222 -4.56 27.92 -14.91
C ASP B 222 -4.41 27.53 -16.39
N ASP B 223 -3.39 26.72 -16.68
CA ASP B 223 -3.16 26.21 -18.02
C ASP B 223 -3.91 24.90 -18.31
N PRO B 224 -4.85 24.94 -19.27
CA PRO B 224 -5.75 23.84 -19.59
C PRO B 224 -5.20 22.80 -20.56
N ASP B 225 -4.03 23.03 -21.15
CA ASP B 225 -3.52 22.07 -22.14
C ASP B 225 -2.42 21.13 -21.64
N ILE B 226 -2.05 21.26 -20.36
CA ILE B 226 -1.23 20.26 -19.69
C ILE B 226 -1.96 19.81 -18.44
N SER B 227 -2.29 18.53 -18.39
CA SER B 227 -3.07 17.96 -17.28
C SER B 227 -3.82 19.05 -16.53
N ALA B 228 -4.90 19.54 -17.13
CA ALA B 228 -5.67 20.65 -16.56
C ALA B 228 -6.38 20.23 -15.29
N GLY B 229 -6.56 21.18 -14.38
CA GLY B 229 -7.28 20.92 -13.15
C GLY B 229 -6.44 20.32 -12.03
N LYS B 230 -5.37 19.63 -12.43
CA LYS B 230 -4.45 19.02 -11.48
C LYS B 230 -3.31 19.99 -11.18
N ILE B 231 -2.65 19.78 -10.05
CA ILE B 231 -1.52 20.61 -9.66
C ILE B 231 -0.33 20.33 -10.59
N LYS B 232 0.36 21.40 -10.98
CA LYS B 232 1.38 21.28 -12.01
C LYS B 232 2.77 20.99 -11.42
N GLN B 233 3.36 19.90 -11.88
CA GLN B 233 4.67 19.51 -11.40
C GLN B 233 5.41 18.65 -12.42
N PHE B 234 6.70 18.93 -12.57
CA PHE B 234 7.46 18.28 -13.61
C PHE B 234 8.83 17.94 -13.12
N CYS B 235 9.36 16.84 -13.63
CA CYS B 235 10.72 16.47 -13.43
C CYS B 235 11.56 17.50 -14.20
N LYS B 236 12.87 17.49 -13.97
CA LYS B 236 13.77 18.52 -14.47
C LYS B 236 13.61 18.72 -15.96
N THR B 237 13.78 17.64 -16.71
CA THR B 237 13.75 17.73 -18.16
C THR B 237 12.38 18.12 -18.73
N CYS B 238 11.31 17.49 -18.23
CA CYS B 238 9.93 17.88 -18.60
C CYS B 238 9.67 19.35 -18.39
N ASN B 239 10.06 19.85 -17.22
CA ASN B 239 9.89 21.25 -16.84
C ASN B 239 10.54 22.24 -17.80
N THR B 240 11.63 21.84 -18.45
CA THR B 240 12.30 22.82 -19.31
C THR B 240 11.83 22.70 -20.77
N GLN B 241 10.95 21.73 -21.00
CA GLN B 241 10.28 21.56 -22.30
C GLN B 241 8.99 22.38 -22.33
N VAL B 242 8.23 22.28 -21.26
CA VAL B 242 7.03 23.07 -21.11
C VAL B 242 7.34 24.54 -21.25
N HIS B 243 8.39 25.00 -20.62
CA HIS B 243 8.61 26.44 -20.66
C HIS B 243 9.39 26.91 -21.86
N LEU B 244 9.87 25.97 -22.66
CA LEU B 244 10.43 26.32 -23.95
C LEU B 244 9.32 26.65 -24.92
N HIS B 245 8.12 26.86 -24.40
CA HIS B 245 6.97 27.12 -25.25
C HIS B 245 6.46 28.55 -25.06
N PRO B 246 6.26 29.25 -26.19
CA PRO B 246 5.94 30.68 -26.28
C PRO B 246 5.00 31.18 -25.17
N LYS B 247 3.91 30.45 -24.95
CA LYS B 247 2.87 30.90 -24.04
C LYS B 247 3.30 30.93 -22.56
N ARG B 248 4.40 30.26 -22.22
CA ARG B 248 4.84 30.23 -20.81
C ARG B 248 6.37 30.16 -20.57
N LEU B 249 7.12 30.90 -21.37
CA LEU B 249 8.56 30.98 -21.16
C LEU B 249 8.97 32.11 -20.24
N ASN B 250 7.99 32.74 -19.59
CA ASN B 250 8.29 33.76 -18.58
C ASN B 250 7.86 33.34 -17.17
N HIS B 251 7.38 32.11 -17.05
CA HIS B 251 6.86 31.62 -15.77
C HIS B 251 7.92 31.47 -14.70
N LYS B 252 7.51 31.64 -13.46
CA LYS B 252 8.42 31.63 -12.32
C LYS B 252 8.47 30.28 -11.59
N TYR B 253 8.50 29.20 -12.36
CA TYR B 253 8.53 27.87 -11.78
C TYR B 253 9.72 27.66 -10.85
N ASN B 254 9.45 27.22 -9.63
CA ASN B 254 10.47 26.99 -8.61
C ASN B 254 10.59 25.54 -8.15
N PRO B 255 11.77 25.17 -7.61
CA PRO B 255 12.12 23.80 -7.23
C PRO B 255 11.35 23.26 -6.02
N VAL B 256 11.46 21.96 -5.76
CA VAL B 256 10.81 21.38 -4.58
C VAL B 256 11.82 20.73 -3.64
N SER B 257 11.41 20.56 -2.39
CA SER B 257 12.30 19.99 -1.38
C SER B 257 12.34 18.46 -1.42
N LEU B 258 13.56 17.91 -1.43
CA LEU B 258 13.80 16.48 -1.40
C LEU B 258 14.88 16.13 -0.36
N PRO B 259 15.30 14.84 -0.31
CA PRO B 259 16.62 14.46 0.18
C PRO B 259 17.66 14.94 -0.80
N LYS B 260 18.94 14.75 -0.51
CA LYS B 260 19.96 15.30 -1.40
C LYS B 260 20.32 14.36 -2.57
N ASP B 261 20.03 13.07 -2.41
CA ASP B 261 20.47 12.08 -3.39
C ASP B 261 19.37 11.61 -4.34
N LEU B 262 18.12 11.93 -4.01
CA LEU B 262 17.02 11.53 -4.86
C LEU B 262 17.23 12.01 -6.31
N PRO B 263 17.63 13.29 -6.49
CA PRO B 263 17.86 13.71 -7.87
C PRO B 263 19.06 12.99 -8.47
N ASP B 264 19.60 11.99 -7.79
CA ASP B 264 20.75 11.24 -8.31
C ASP B 264 20.31 10.08 -9.19
N TRP B 265 19.16 9.51 -8.88
CA TRP B 265 18.67 8.35 -9.65
C TRP B 265 17.36 8.61 -10.39
N ASP B 266 17.33 8.25 -11.67
CA ASP B 266 16.07 8.31 -12.43
C ASP B 266 15.13 7.20 -11.98
N TRP B 267 14.42 7.44 -10.88
CA TRP B 267 13.56 6.44 -10.28
C TRP B 267 12.46 6.02 -11.24
N ARG B 268 12.12 4.72 -11.25
CA ARG B 268 11.07 4.19 -12.12
C ARG B 268 9.85 5.10 -12.12
N HIS B 269 9.33 5.39 -13.32
CA HIS B 269 8.20 6.31 -13.43
C HIS B 269 6.92 5.63 -12.94
N GLY B 270 6.26 6.25 -11.97
CA GLY B 270 5.21 5.59 -11.23
C GLY B 270 5.65 4.99 -9.90
N CYS B 271 6.95 4.81 -9.69
CA CYS B 271 7.43 4.22 -8.43
C CYS B 271 7.22 5.16 -7.25
N ILE B 272 6.92 6.42 -7.53
CA ILE B 272 6.90 7.47 -6.52
C ILE B 272 5.70 7.30 -5.57
N PRO B 273 5.96 7.17 -4.26
CA PRO B 273 4.93 7.04 -3.23
C PRO B 273 3.91 8.16 -3.31
N CYS B 274 2.97 8.16 -2.37
CA CYS B 274 1.90 9.15 -2.31
C CYS B 274 1.12 8.99 -1.00
N GLN B 275 0.77 10.10 -0.36
CA GLN B 275 0.14 10.00 0.95
C GLN B 275 -1.33 10.34 0.92
N ASN B 276 -2.12 9.35 1.30
CA ASN B 276 -3.55 9.46 1.27
C ASN B 276 -4.12 9.48 2.69
N MET B 277 -5.15 10.30 2.90
CA MET B 277 -5.93 10.27 4.12
C MET B 277 -7.27 9.64 3.76
N GLU B 278 -8.11 9.37 4.75
CA GLU B 278 -9.38 8.69 4.47
C GLU B 278 -10.53 9.27 5.26
N LEU B 279 -11.64 9.48 4.55
CA LEU B 279 -12.86 9.97 5.18
C LEU B 279 -13.34 8.98 6.21
N PHE B 280 -13.64 9.48 7.40
CA PHE B 280 -14.14 8.63 8.46
C PHE B 280 -15.36 9.25 9.11
N ALA B 281 -15.63 10.50 8.80
CA ALA B 281 -16.80 11.14 9.35
C ALA B 281 -17.20 12.41 8.58
N VAL B 282 -18.50 12.63 8.48
CA VAL B 282 -19.05 13.85 7.89
C VAL B 282 -20.01 14.48 8.88
N LEU B 283 -19.84 15.76 9.14
CA LEU B 283 -20.77 16.47 10.00
C LEU B 283 -21.75 17.25 9.11
N CYS B 284 -23.03 16.92 9.23
CA CYS B 284 -24.06 17.53 8.39
C CYS B 284 -24.97 18.44 9.19
N ILE B 285 -25.73 19.29 8.51
CA ILE B 285 -26.72 20.12 9.20
C ILE B 285 -28.04 20.27 8.47
N GLU B 286 -29.08 19.63 8.99
CA GLU B 286 -30.45 19.88 8.55
C GLU B 286 -30.94 21.20 9.15
N THR B 287 -30.97 22.23 8.31
CA THR B 287 -31.34 23.58 8.73
C THR B 287 -30.53 24.02 9.94
N SER B 288 -31.08 23.84 11.14
CA SER B 288 -30.41 24.28 12.36
C SER B 288 -29.87 23.12 13.19
N HIS B 289 -29.88 21.92 12.61
CA HIS B 289 -29.52 20.70 13.32
C HIS B 289 -28.30 19.99 12.74
N TYR B 290 -27.46 19.47 13.63
CA TYR B 290 -26.32 18.69 13.20
C TYR B 290 -26.57 17.20 13.44
N VAL B 291 -26.40 16.42 12.39
CA VAL B 291 -26.45 14.97 12.44
C VAL B 291 -25.09 14.55 11.92
N ALA B 292 -24.81 13.25 11.94
CA ALA B 292 -23.51 12.80 11.49
C ALA B 292 -23.59 11.53 10.65
N PHE B 293 -22.62 11.39 9.74
CA PHE B 293 -22.38 10.12 9.05
C PHE B 293 -20.97 9.61 9.38
N VAL B 294 -20.90 8.40 9.93
CA VAL B 294 -19.65 7.83 10.39
C VAL B 294 -19.29 6.56 9.61
N LYS B 295 -18.03 6.43 9.25
CA LYS B 295 -17.51 5.19 8.68
C LYS B 295 -17.22 4.22 9.82
N TYR B 296 -17.56 2.95 9.63
CA TYR B 296 -17.49 1.98 10.72
C TYR B 296 -16.40 0.96 10.44
N GLY B 297 -16.12 0.76 9.16
CA GLY B 297 -15.10 -0.16 8.71
C GLY B 297 -14.72 0.20 7.29
N LYS B 298 -13.62 -0.34 6.80
CA LYS B 298 -13.17 -0.03 5.45
C LYS B 298 -14.11 -0.69 4.43
N ASP B 299 -15.20 -1.26 4.93
CA ASP B 299 -16.21 -1.84 4.06
C ASP B 299 -16.84 -0.72 3.22
N ASP B 300 -16.90 -0.95 1.92
CA ASP B 300 -17.26 0.08 0.94
C ASP B 300 -18.49 0.90 1.34
N SER B 301 -19.31 0.33 2.22
CA SER B 301 -20.53 0.98 2.63
C SER B 301 -20.76 0.84 4.12
N ALA B 302 -19.69 0.58 4.87
CA ALA B 302 -19.76 0.55 6.32
C ALA B 302 -20.01 1.95 6.82
N TRP B 303 -21.23 2.43 6.58
CA TRP B 303 -21.64 3.78 6.95
C TRP B 303 -22.84 3.73 7.87
N LEU B 304 -22.83 4.58 8.91
CA LEU B 304 -23.93 4.68 9.85
C LEU B 304 -24.30 6.14 10.06
N PHE B 305 -25.58 6.39 10.31
CA PHE B 305 -26.08 7.75 10.48
C PHE B 305 -26.57 7.96 11.90
N PHE B 306 -26.13 9.05 12.52
CA PHE B 306 -26.46 9.32 13.91
C PHE B 306 -27.15 10.66 14.02
N ASP B 307 -28.27 10.64 14.74
CA ASP B 307 -28.96 11.85 15.14
C ASP B 307 -29.19 11.76 16.65
N SER B 308 -28.92 12.83 17.37
CA SER B 308 -28.95 12.82 18.82
C SER B 308 -30.34 13.11 19.41
N MET B 309 -31.25 13.60 18.58
CA MET B 309 -32.59 13.99 18.99
C MET B 309 -33.65 13.18 18.28
N ALA B 310 -33.23 12.16 17.58
CA ALA B 310 -34.09 11.44 16.64
C ALA B 310 -35.51 11.16 17.12
N ASP B 311 -35.74 11.26 18.43
CA ASP B 311 -37.05 11.01 19.02
C ASP B 311 -37.08 11.67 20.39
N ASN B 320 -34.68 13.05 25.20
CA ASN B 320 -34.55 12.58 23.82
C ASN B 320 -34.14 11.10 23.67
N ILE B 321 -34.40 10.54 22.50
CA ILE B 321 -33.98 9.18 22.18
C ILE B 321 -33.09 9.20 20.93
N PRO B 322 -31.77 8.98 21.12
CA PRO B 322 -30.82 8.93 20.00
C PRO B 322 -30.99 7.67 19.18
N GLN B 323 -30.56 7.71 17.92
CA GLN B 323 -30.58 6.51 17.11
C GLN B 323 -29.34 6.44 16.24
N VAL B 324 -28.78 5.24 16.16
CA VAL B 324 -27.67 4.97 15.28
C VAL B 324 -28.18 4.09 14.16
N THR B 325 -28.12 4.61 12.94
CA THR B 325 -28.82 4.01 11.81
C THR B 325 -27.91 3.50 10.70
N PRO B 326 -27.91 2.18 10.46
CA PRO B 326 -27.16 1.65 9.31
C PRO B 326 -27.57 2.36 8.01
N CYS B 327 -26.66 2.49 7.05
CA CYS B 327 -27.01 3.07 5.74
C CYS B 327 -26.01 2.74 4.63
N PRO B 328 -26.05 1.48 4.16
CA PRO B 328 -25.20 0.99 3.08
C PRO B 328 -25.46 1.78 1.80
N GLU B 329 -26.63 2.40 1.71
CA GLU B 329 -27.02 3.16 0.52
C GLU B 329 -25.90 4.06 0.05
N VAL B 330 -25.14 4.57 1.00
CA VAL B 330 -23.99 5.42 0.73
C VAL B 330 -22.95 4.74 -0.19
N GLY B 331 -22.86 3.42 -0.10
CA GLY B 331 -21.97 2.66 -0.97
C GLY B 331 -22.29 2.79 -2.46
N GLU B 332 -23.50 3.21 -2.75
CA GLU B 332 -23.91 3.49 -4.13
C GLU B 332 -23.77 4.97 -4.43
N TYR B 333 -24.13 5.79 -3.45
CA TYR B 333 -24.16 7.24 -3.64
C TYR B 333 -22.76 7.79 -3.85
N LEU B 334 -21.76 6.99 -3.46
CA LEU B 334 -20.36 7.40 -3.58
C LEU B 334 -19.73 6.73 -4.77
N LYS B 335 -20.43 5.74 -5.31
CA LYS B 335 -19.87 4.94 -6.38
C LYS B 335 -20.23 5.51 -7.76
N MET B 336 -20.76 6.73 -7.78
CA MET B 336 -21.30 7.31 -8.99
C MET B 336 -20.31 8.07 -9.84
N SER B 337 -20.36 7.85 -11.14
CA SER B 337 -19.42 8.46 -12.09
C SER B 337 -19.74 9.92 -12.40
N LEU B 338 -19.06 10.46 -13.40
CA LEU B 338 -19.18 11.87 -13.76
C LEU B 338 -20.63 12.30 -13.93
N GLU B 339 -21.17 12.14 -15.13
CA GLU B 339 -22.54 12.56 -15.40
C GLU B 339 -23.51 11.83 -14.50
N ASP B 340 -23.12 10.64 -14.07
CA ASP B 340 -23.98 9.80 -13.23
C ASP B 340 -24.77 10.53 -12.14
N LEU B 341 -24.18 11.55 -11.53
CA LEU B 341 -24.81 12.20 -10.37
C LEU B 341 -24.88 13.72 -10.41
N HIS B 342 -24.84 14.31 -11.61
CA HIS B 342 -25.05 15.74 -11.76
C HIS B 342 -26.54 16.02 -11.99
N SER B 343 -27.23 15.01 -12.49
CA SER B 343 -28.62 15.16 -12.94
C SER B 343 -29.67 15.16 -11.83
N LEU B 344 -30.13 13.96 -11.46
CA LEU B 344 -31.27 13.81 -10.56
C LEU B 344 -31.10 14.59 -9.26
N ASP B 345 -31.91 15.63 -9.10
CA ASP B 345 -31.90 16.39 -7.86
C ASP B 345 -33.33 16.57 -7.33
N SER B 346 -33.64 15.87 -6.26
CA SER B 346 -34.92 16.01 -5.59
C SER B 346 -34.66 16.45 -4.17
N ALA B 353 -29.35 10.40 1.41
CA ALA B 353 -28.03 10.76 0.92
C ALA B 353 -27.97 12.19 0.40
N ARG B 354 -29.13 12.81 0.21
CA ARG B 354 -29.15 14.21 -0.18
C ARG B 354 -28.46 14.99 0.94
N ARG B 355 -28.75 14.57 2.16
CA ARG B 355 -28.15 15.18 3.35
C ARG B 355 -26.64 15.13 3.29
N LEU B 356 -26.10 14.05 2.74
CA LEU B 356 -24.67 13.83 2.73
C LEU B 356 -23.95 14.68 1.69
N LEU B 357 -24.65 15.00 0.61
CA LEU B 357 -24.03 15.71 -0.52
C LEU B 357 -24.38 17.19 -0.61
N CYS B 358 -25.27 17.62 0.28
CA CYS B 358 -25.75 19.01 0.27
C CYS B 358 -25.90 19.59 1.67
N ASP B 359 -25.94 18.73 2.69
CA ASP B 359 -26.08 19.19 4.07
C ASP B 359 -24.76 19.05 4.82
N ALA B 360 -23.72 18.63 4.07
CA ALA B 360 -22.38 18.44 4.62
C ALA B 360 -21.73 19.75 5.09
N TYR B 361 -21.18 19.72 6.29
CA TYR B 361 -20.77 20.92 6.98
C TYR B 361 -19.29 20.84 7.41
N MET B 362 -18.89 19.66 7.85
CA MET B 362 -17.48 19.34 8.00
C MET B 362 -17.24 17.97 7.42
N CYS B 363 -16.06 17.78 6.85
CA CYS B 363 -15.62 16.44 6.46
C CYS B 363 -14.32 16.07 7.19
N MET B 364 -14.26 14.88 7.73
CA MET B 364 -13.11 14.54 8.50
C MET B 364 -12.31 13.41 7.96
N TYR B 365 -11.04 13.68 7.75
CA TYR B 365 -10.08 12.69 7.25
C TYR B 365 -9.10 12.27 8.34
N GLN B 366 -8.52 11.10 8.17
CA GLN B 366 -7.60 10.59 9.16
C GLN B 366 -6.47 9.76 8.54
N SER B 367 -5.49 9.47 9.37
CA SER B 367 -4.45 8.54 8.99
C SER B 367 -5.12 7.21 8.71
N PRO B 368 -4.67 6.53 7.66
CA PRO B 368 -5.14 5.19 7.35
C PRO B 368 -4.82 4.25 8.51
N THR B 369 -4.70 4.80 9.72
CA THR B 369 -4.25 4.04 10.88
C THR B 369 -5.11 4.28 12.12
N MET B 370 -5.58 5.49 12.29
CA MET B 370 -6.46 5.78 13.40
C MET B 370 -7.79 5.08 13.18
N SER B 371 -7.75 4.07 12.31
CA SER B 371 -8.87 3.19 12.03
C SER B 371 -9.10 2.28 13.23
N LEU B 372 -9.95 2.74 14.16
CA LEU B 372 -10.40 1.90 15.26
C LEU B 372 -11.47 0.94 14.77
N TYR B 373 -11.16 0.20 13.66
CA TYR B 373 -12.16 -0.65 13.04
C TYR B 373 -11.56 -1.47 11.90
#